data_2F43
#
_entry.id   2F43
#
_cell.length_a   144.567
_cell.length_b   144.567
_cell.length_c   362.982
_cell.angle_alpha   90.00
_cell.angle_beta   90.00
_cell.angle_gamma   120.00
#
_symmetry.space_group_name_H-M   'H 3 2'
#
loop_
_entity.id
_entity.type
_entity.pdbx_description
1 polymer 'ATP synthase alpha chain, mitochondrial'
2 polymer 'ATP synthase beta chain, mitochondrial'
3 polymer 'ATP synthase gamma chain, mitochondrial'
4 non-polymer 'MAGNESIUM ION'
5 non-polymer "ADENOSINE-5'-TRIPHOSPHATE"
6 non-polymer 'VANADATE ION'
7 non-polymer "ADENOSINE-5'-DIPHOSPHATE"
#
loop_
_entity_poly.entity_id
_entity_poly.type
_entity_poly.pdbx_seq_one_letter_code
_entity_poly.pdbx_strand_id
1 'polypeptide(L)'
;QKTGTAEMSSILEERILGADTSVDLEETGRVLSIGDGIARVHGLRNVQAEEMVEFSSGLKGMSLNLEPDNVGVVVFGNDK
LIKEGDIVKRTGAIVDVPVGDELLGRVVDALGNAIDGKGPVGSKIRRRVGLKAPGIIPRISVREPMQTGIKAVDSLVPIG
RGQRELIIGDRQTGKTSIAIDTIINQKRFNDGTDEKKKLYCIYVAIGQKRSTVAQLVKRLTDADAMKYTIVVSATASDAA
PLQYLAPYSGCSMGEYFRDNGKHALIIYDDLSKQAVAYRQMSLLLRRPPGREAYPGDVFYLHSRLLERAAKMNDSFGGGS
LTALPVIETQAGDVSAYIPTNVISITDGQIFLETELFYKGIRPAINVGLSVSRVGSAAQTRAMKQVAGTMKLELAQYREV
AAFAQFGSDLDAATQQLLSRGVRLTELLKQGQYSPMAIEEQVAVIYAGVRGYLDKLEPSKITKFESAFLSHVVSQHQSLL
GNIRSDGKISEQSDAKLKEIVTNFLAGFEP
;
A
2 'polypeptide(L)'
;SAAPKAGTATGQIVAVIGAVVDVQFDEGLPPILNALEVQGRESRLVLEVAQHLGESTVRTIAMDGTEGLVRGQKVLDSGA
PIKIPVGPETLGRIMNVIGEPIDERGPIKTKQFAPIHAEAPEFIEMSVEQEILVTGIKVVDLLAPYAKGGKIGLFGGAGV
GKTVLIMELINNVAKAHGGYSVFAGVGERTREGNDLYHEMIESGVINLKDATSKVALVYGQMNEPPGARARVALTGLTVA
EYFRDQEGQDVLLFIDNIFRFTQAGSEVSALLGRIPSAVGYQPTLATDMGTMQERITTTKKGSITSVQAIYVPADDLTDP
APATTFAHLDATTVLSRAIAELGIYPAVDPLDSTSRIMDPNIVGSEHYDVARGVQKILQDYKSLQDIIAILGMDELSEED
KLTVSRARKIQRFLSQPFQVAEVFTGHMGKLVPLKETIKGFQQILAGDYDHLPEQAFYMVGPIEEAVAKADKLAEEHGS
;
B
3 'polypeptide(L)'
;ATLKDITRRLKSIKNIQKITKSMKMVAAAKYARAERELKPARVYGTGSLALYEKAEIKGPEDKKKHLIIGVSSDRGLCGA
IHSSVAKQMKNDMAALTAAGKEVMIVGIGEKIKSILYRTHSDQFLVSFKDVGRKPPTFGDASVIALELLNSGYEFDEGSI
IFNQFKSVISYKTEEKPIFSFSTVVAAENMSIYDDIDADVLQNYQEYNLANIIYYSLKESTTSEQSARMTAMDNASKNAS
DMIDKLTLTFNRTRQAVITKELIEIISGAAALD
;
G
#
loop_
_chem_comp.id
_chem_comp.type
_chem_comp.name
_chem_comp.formula
ADP non-polymer ADENOSINE-5'-DIPHOSPHATE 'C10 H15 N5 O10 P2'
ATP non-polymer ADENOSINE-5'-TRIPHOSPHATE 'C10 H16 N5 O13 P3'
MG non-polymer 'MAGNESIUM ION' 'Mg 2'
VO4 non-polymer 'VANADATE ION' 'O4 V -3'
#
# COMPACT_ATOMS: atom_id res chain seq x y z
N VAL A 23 -48.65 0.71 -6.99
CA VAL A 23 -49.85 1.56 -6.90
C VAL A 23 -50.09 2.00 -5.48
N ASP A 24 -49.56 1.25 -4.50
CA ASP A 24 -49.72 1.61 -3.07
C ASP A 24 -48.37 1.90 -2.41
N LEU A 25 -48.24 3.07 -1.80
CA LEU A 25 -47.01 3.49 -1.17
C LEU A 25 -46.79 2.80 0.15
N GLU A 26 -47.75 1.92 0.38
CA GLU A 26 -47.78 1.08 1.57
C GLU A 26 -46.58 0.14 1.40
N GLU A 27 -46.64 -0.68 0.35
CA GLU A 27 -45.60 -1.69 -0.01
C GLU A 27 -44.63 -1.34 -1.13
N THR A 28 -44.69 -0.11 -1.63
CA THR A 28 -43.77 0.33 -2.65
C THR A 28 -43.60 1.81 -2.59
N GLY A 29 -42.69 2.31 -3.42
CA GLY A 29 -42.44 3.74 -3.44
C GLY A 29 -41.62 4.26 -4.60
N ARG A 30 -41.96 5.45 -5.01
CA ARG A 30 -41.23 6.10 -6.16
C ARG A 30 -40.11 6.95 -5.60
N VAL A 31 -38.90 6.79 -6.18
CA VAL A 31 -37.67 7.57 -5.81
C VAL A 31 -37.93 9.09 -5.85
N LEU A 32 -37.53 9.78 -4.79
CA LEU A 32 -37.72 11.26 -4.75
C LEU A 32 -36.44 11.87 -5.24
N SER A 33 -35.33 11.22 -4.90
CA SER A 33 -34.02 11.69 -5.32
C SER A 33 -33.02 10.57 -5.30
N ILE A 34 -31.91 10.79 -5.98
CA ILE A 34 -30.82 9.85 -6.04
C ILE A 34 -29.53 10.57 -6.44
N GLY A 35 -28.42 10.02 -6.00
CA GLY A 35 -27.17 10.64 -6.33
C GLY A 35 -26.18 10.12 -5.30
N ASP A 36 -25.02 9.73 -5.80
CA ASP A 36 -24.01 9.22 -4.94
C ASP A 36 -24.54 8.03 -4.16
N GLY A 37 -25.42 7.28 -4.82
CA GLY A 37 -25.97 6.04 -4.23
C GLY A 37 -26.76 6.15 -2.94
N ILE A 38 -27.53 7.21 -2.78
CA ILE A 38 -28.35 7.40 -1.58
C ILE A 38 -29.66 7.81 -2.17
N ALA A 39 -30.51 6.83 -2.31
CA ALA A 39 -31.82 7.01 -2.87
C ALA A 39 -32.74 7.49 -1.80
N ARG A 40 -33.29 8.67 -1.98
CA ARG A 40 -34.25 9.13 -1.02
C ARG A 40 -35.56 8.73 -1.62
N VAL A 41 -35.97 7.54 -1.24
CA VAL A 41 -37.21 6.97 -1.71
C VAL A 41 -38.37 7.42 -0.89
N HIS A 42 -39.48 7.55 -1.58
CA HIS A 42 -40.77 7.98 -1.01
C HIS A 42 -41.59 6.72 -0.92
N GLY A 43 -42.72 6.79 -0.21
CA GLY A 43 -43.58 5.64 -0.05
C GLY A 43 -43.01 4.68 0.98
N LEU A 44 -42.76 3.43 0.57
CA LEU A 44 -42.19 2.38 1.41
C LEU A 44 -42.60 2.52 2.87
N ARG A 45 -43.86 2.82 3.11
CA ARG A 45 -44.32 2.96 4.46
C ARG A 45 -44.03 1.75 5.34
N ASN A 46 -44.17 0.55 4.78
CA ASN A 46 -43.97 -0.71 5.49
C ASN A 46 -42.61 -1.35 5.49
N VAL A 47 -41.65 -0.66 4.92
CA VAL A 47 -40.32 -1.16 4.83
C VAL A 47 -39.80 -1.28 6.26
N GLN A 48 -39.01 -2.32 6.49
CA GLN A 48 -38.43 -2.55 7.80
C GLN A 48 -37.10 -1.82 7.81
N ALA A 49 -36.54 -1.65 9.00
CA ALA A 49 -35.30 -0.96 9.07
C ALA A 49 -34.06 -1.76 8.81
N GLU A 50 -33.81 -2.05 7.55
CA GLU A 50 -32.69 -2.80 7.01
C GLU A 50 -33.04 -3.78 5.93
N GLU A 51 -34.31 -3.93 5.66
CA GLU A 51 -34.70 -4.90 4.65
C GLU A 51 -34.22 -4.38 3.35
N MET A 52 -33.45 -5.18 2.65
CA MET A 52 -32.95 -4.76 1.35
C MET A 52 -34.13 -4.62 0.40
N VAL A 53 -34.05 -3.71 -0.56
CA VAL A 53 -35.13 -3.49 -1.50
C VAL A 53 -34.77 -3.57 -2.95
N GLU A 54 -35.80 -3.45 -3.80
CA GLU A 54 -35.64 -3.50 -5.22
C GLU A 54 -36.09 -2.30 -6.08
N PHE A 55 -35.16 -1.87 -6.95
CA PHE A 55 -35.41 -0.73 -7.86
C PHE A 55 -36.03 -1.19 -9.23
N SER A 56 -36.37 -0.25 -10.10
CA SER A 56 -36.95 -0.52 -11.42
C SER A 56 -35.93 -1.07 -12.42
N SER A 57 -34.69 -0.58 -12.31
CA SER A 57 -33.64 -1.07 -13.17
C SER A 57 -33.17 -2.42 -12.64
N GLY A 58 -34.00 -3.00 -11.77
CA GLY A 58 -33.71 -4.29 -11.19
C GLY A 58 -32.41 -4.27 -10.39
N LEU A 59 -32.39 -3.52 -9.29
CA LEU A 59 -31.20 -3.41 -8.43
C LEU A 59 -31.52 -3.36 -6.92
N LYS A 60 -30.63 -3.99 -6.14
CA LYS A 60 -30.78 -4.04 -4.71
C LYS A 60 -30.26 -2.74 -4.04
N GLY A 61 -30.57 -2.62 -2.75
CA GLY A 61 -30.16 -1.48 -2.00
C GLY A 61 -30.90 -1.78 -0.74
N MET A 62 -30.40 -1.40 0.43
CA MET A 62 -31.12 -1.70 1.64
C MET A 62 -31.47 -0.43 2.29
N SER A 63 -32.57 -0.47 3.02
CA SER A 63 -33.08 0.70 3.71
C SER A 63 -32.35 0.95 4.99
N LEU A 64 -31.62 2.06 5.02
CA LEU A 64 -30.82 2.42 6.21
C LEU A 64 -31.28 3.57 7.08
N ASN A 65 -31.89 4.58 6.45
CA ASN A 65 -32.36 5.73 7.20
C ASN A 65 -33.85 5.89 7.13
N LEU A 66 -34.60 5.20 7.96
CA LEU A 66 -36.07 5.35 7.90
C LEU A 66 -36.49 6.66 8.51
N GLU A 67 -37.01 7.56 7.67
CA GLU A 67 -37.41 8.90 8.12
C GLU A 67 -38.87 9.29 7.89
N PRO A 68 -39.33 10.37 8.52
CA PRO A 68 -40.72 10.78 8.35
C PRO A 68 -41.25 10.90 6.95
N ASP A 69 -40.49 11.51 6.05
CA ASP A 69 -40.97 11.65 4.66
C ASP A 69 -40.16 10.95 3.56
N ASN A 70 -39.24 10.11 3.98
CA ASN A 70 -38.40 9.36 3.07
C ASN A 70 -37.65 8.26 3.79
N VAL A 71 -37.01 7.38 2.99
CA VAL A 71 -36.27 6.25 3.54
C VAL A 71 -34.75 6.20 3.36
N GLY A 72 -34.23 6.88 2.34
CA GLY A 72 -32.77 6.86 2.17
C GLY A 72 -32.19 5.47 2.16
N VAL A 73 -32.23 4.88 0.96
CA VAL A 73 -31.73 3.56 0.70
C VAL A 73 -30.34 3.71 0.14
N VAL A 74 -29.50 2.73 0.47
CA VAL A 74 -28.15 2.70 0.01
C VAL A 74 -28.10 1.66 -1.08
N VAL A 75 -27.71 2.13 -2.23
CA VAL A 75 -27.69 1.29 -3.42
C VAL A 75 -26.46 0.45 -3.68
N PHE A 76 -26.73 -0.81 -3.95
CA PHE A 76 -25.66 -1.72 -4.27
C PHE A 76 -25.37 -1.53 -5.76
N GLY A 77 -24.20 -0.97 -6.06
CA GLY A 77 -23.79 -0.75 -7.44
C GLY A 77 -24.07 0.63 -7.99
N ASN A 78 -23.37 0.96 -9.05
CA ASN A 78 -23.43 2.29 -9.68
C ASN A 78 -24.81 2.78 -10.07
N ASP A 79 -25.02 4.07 -9.78
CA ASP A 79 -26.27 4.85 -9.98
C ASP A 79 -26.98 4.87 -11.29
N LYS A 80 -26.29 5.36 -12.33
CA LYS A 80 -26.78 5.45 -13.71
C LYS A 80 -28.26 5.19 -13.88
N LEU A 81 -28.61 3.92 -13.87
CA LEU A 81 -30.00 3.41 -14.04
C LEU A 81 -31.02 3.84 -13.00
N ILE A 82 -30.56 4.16 -11.80
CA ILE A 82 -31.42 4.61 -10.70
C ILE A 82 -31.76 6.08 -10.99
N LYS A 83 -33.03 6.44 -10.93
CA LYS A 83 -33.40 7.80 -11.28
C LYS A 83 -34.79 8.23 -10.87
N GLU A 84 -34.88 9.52 -10.53
CA GLU A 84 -36.05 10.19 -10.07
C GLU A 84 -37.39 9.64 -10.55
N GLY A 85 -37.98 8.74 -9.74
CA GLY A 85 -39.27 8.17 -10.08
C GLY A 85 -39.23 6.64 -10.08
N ASP A 86 -38.07 6.07 -10.36
CA ASP A 86 -37.89 4.64 -10.37
C ASP A 86 -38.63 4.02 -9.17
N ILE A 87 -39.45 3.03 -9.47
CA ILE A 87 -40.20 2.40 -8.45
C ILE A 87 -39.35 1.47 -7.63
N VAL A 88 -39.69 1.43 -6.34
CA VAL A 88 -38.98 0.60 -5.40
C VAL A 88 -39.97 -0.36 -4.78
N LYS A 89 -39.49 -1.58 -4.64
CA LYS A 89 -40.24 -2.69 -4.06
C LYS A 89 -39.63 -3.25 -2.80
N ARG A 90 -40.47 -3.96 -2.04
CA ARG A 90 -40.03 -4.56 -0.77
C ARG A 90 -39.60 -6.01 -0.87
N THR A 91 -38.54 -6.29 -0.13
CA THR A 91 -37.99 -7.63 0.01
C THR A 91 -37.88 -7.80 1.52
N GLY A 92 -39.03 -7.84 2.17
CA GLY A 92 -39.20 -7.98 3.60
C GLY A 92 -38.31 -9.01 4.24
N ALA A 93 -37.02 -8.73 4.29
CA ALA A 93 -36.02 -9.65 4.85
C ALA A 93 -34.76 -8.89 5.06
N ILE A 94 -34.38 -8.69 6.32
CA ILE A 94 -33.17 -7.96 6.65
C ILE A 94 -32.07 -8.56 5.84
N VAL A 95 -31.15 -7.70 5.44
CA VAL A 95 -29.98 -8.09 4.65
C VAL A 95 -29.35 -9.42 5.10
N ASP A 96 -29.63 -10.41 4.23
CA ASP A 96 -29.21 -11.75 4.40
C ASP A 96 -28.37 -12.19 3.19
N VAL A 97 -27.49 -13.17 3.36
CA VAL A 97 -26.70 -13.67 2.22
C VAL A 97 -26.67 -15.18 2.13
N PRO A 98 -26.45 -15.70 0.93
CA PRO A 98 -26.36 -17.15 0.79
C PRO A 98 -25.20 -17.79 1.60
N VAL A 99 -25.36 -19.07 1.90
CA VAL A 99 -24.39 -19.87 2.67
C VAL A 99 -24.82 -21.36 2.61
N GLY A 100 -23.84 -22.22 2.82
CA GLY A 100 -24.04 -23.66 2.76
C GLY A 100 -22.73 -24.28 2.37
N ASP A 101 -22.72 -25.60 2.19
CA ASP A 101 -21.48 -26.28 1.79
C ASP A 101 -21.13 -26.11 0.32
N GLU A 102 -22.17 -26.03 -0.50
CA GLU A 102 -22.09 -25.85 -1.98
C GLU A 102 -21.06 -24.77 -2.36
N LEU A 103 -21.14 -23.63 -1.67
CA LEU A 103 -20.25 -22.51 -1.94
C LEU A 103 -18.80 -22.82 -1.80
N LEU A 104 -18.51 -23.98 -1.24
CA LEU A 104 -17.15 -24.36 -1.09
C LEU A 104 -16.52 -24.41 -2.48
N GLY A 105 -15.23 -24.06 -2.53
CA GLY A 105 -14.49 -24.06 -3.76
C GLY A 105 -14.90 -23.09 -4.84
N ARG A 106 -15.32 -21.90 -4.45
CA ARG A 106 -15.72 -20.90 -5.42
C ARG A 106 -15.41 -19.46 -5.06
N VAL A 107 -15.69 -18.59 -6.01
CA VAL A 107 -15.47 -17.18 -5.79
C VAL A 107 -16.71 -16.44 -6.20
N VAL A 108 -17.13 -15.58 -5.31
CA VAL A 108 -18.29 -14.76 -5.55
C VAL A 108 -17.94 -13.31 -5.22
N ASP A 109 -18.89 -12.42 -5.52
CA ASP A 109 -18.76 -11.03 -5.26
C ASP A 109 -18.76 -10.91 -3.76
N ALA A 110 -19.73 -10.20 -3.23
CA ALA A 110 -19.84 -10.04 -1.80
C ALA A 110 -21.26 -9.74 -1.55
N LEU A 111 -22.12 -10.54 -2.18
CA LEU A 111 -23.55 -10.43 -2.03
C LEU A 111 -24.05 -11.86 -2.24
N GLY A 112 -23.10 -12.74 -2.48
CA GLY A 112 -23.43 -14.12 -2.70
C GLY A 112 -23.12 -14.61 -4.08
N ASN A 113 -23.73 -13.97 -5.08
CA ASN A 113 -23.60 -14.38 -6.49
C ASN A 113 -22.20 -14.63 -6.96
N ALA A 114 -22.01 -15.73 -7.69
CA ALA A 114 -20.72 -16.13 -8.21
C ALA A 114 -20.18 -15.25 -9.29
N ILE A 115 -18.91 -15.38 -9.56
CA ILE A 115 -18.31 -14.54 -10.57
C ILE A 115 -17.21 -15.31 -11.27
N ASP A 116 -16.67 -16.35 -10.62
CA ASP A 116 -15.60 -17.16 -11.22
C ASP A 116 -16.06 -17.93 -12.45
N GLY A 117 -17.16 -17.46 -13.02
CA GLY A 117 -17.73 -18.05 -14.20
C GLY A 117 -17.97 -19.53 -14.13
N LYS A 118 -17.78 -20.11 -12.95
CA LYS A 118 -17.95 -21.55 -12.72
C LYS A 118 -19.39 -22.01 -12.62
N GLY A 119 -20.30 -21.16 -13.09
CA GLY A 119 -21.72 -21.47 -13.05
C GLY A 119 -22.42 -21.04 -11.79
N PRO A 120 -23.65 -21.48 -11.56
CA PRO A 120 -24.37 -21.05 -10.35
C PRO A 120 -24.16 -22.00 -9.21
N VAL A 121 -24.52 -21.53 -8.04
CA VAL A 121 -24.38 -22.32 -6.86
C VAL A 121 -25.70 -22.05 -6.18
N GLY A 122 -26.74 -22.61 -6.78
CA GLY A 122 -28.06 -22.41 -6.24
C GLY A 122 -28.09 -22.99 -4.85
N SER A 123 -27.95 -22.13 -3.84
CA SER A 123 -27.96 -22.60 -2.49
C SER A 123 -29.36 -22.55 -1.96
N LYS A 124 -29.61 -23.25 -0.87
CA LYS A 124 -30.91 -23.30 -0.33
C LYS A 124 -30.93 -23.08 1.19
N ILE A 125 -29.93 -22.38 1.72
CA ILE A 125 -29.86 -22.14 3.13
C ILE A 125 -29.28 -20.77 3.33
N ARG A 126 -30.09 -19.75 3.29
CA ARG A 126 -29.60 -18.40 3.45
C ARG A 126 -29.11 -18.16 4.89
N ARG A 127 -28.69 -16.96 5.12
CA ARG A 127 -28.20 -16.55 6.40
C ARG A 127 -28.00 -15.03 6.45
N ARG A 128 -28.65 -14.35 7.38
CA ARG A 128 -28.55 -12.92 7.49
C ARG A 128 -27.14 -12.52 7.97
N VAL A 129 -26.75 -11.28 7.77
CA VAL A 129 -25.43 -10.76 8.19
C VAL A 129 -25.48 -9.88 9.44
N GLY A 130 -26.69 -9.51 9.89
CA GLY A 130 -26.77 -8.68 11.07
C GLY A 130 -26.86 -9.45 12.38
N LEU A 131 -26.34 -10.70 12.44
CA LEU A 131 -26.41 -11.48 13.68
C LEU A 131 -25.54 -10.88 14.81
N LYS A 132 -25.97 -11.16 16.03
CA LYS A 132 -25.28 -10.66 17.20
C LYS A 132 -24.40 -11.82 17.64
N ALA A 133 -23.16 -11.52 17.93
CA ALA A 133 -22.21 -12.50 18.40
C ALA A 133 -22.82 -13.34 19.52
N PRO A 134 -22.41 -14.62 19.66
CA PRO A 134 -22.95 -15.49 20.73
C PRO A 134 -22.93 -14.90 22.11
N GLY A 135 -21.95 -15.28 22.90
CA GLY A 135 -21.90 -14.71 24.24
C GLY A 135 -21.03 -15.48 25.19
N ILE A 136 -21.13 -15.14 26.46
CA ILE A 136 -20.33 -15.75 27.51
C ILE A 136 -20.56 -17.26 27.52
N ILE A 137 -21.81 -17.65 27.72
CA ILE A 137 -22.21 -19.08 27.82
C ILE A 137 -22.00 -20.01 26.57
N PRO A 138 -22.22 -19.54 25.35
CA PRO A 138 -22.02 -20.41 24.21
C PRO A 138 -20.53 -20.78 24.09
N ARG A 139 -19.67 -19.77 24.32
CA ARG A 139 -18.21 -19.90 24.20
C ARG A 139 -17.58 -20.65 25.35
N ILE A 140 -16.32 -21.03 25.14
CA ILE A 140 -15.60 -21.76 26.15
C ILE A 140 -14.16 -21.37 26.38
N SER A 141 -13.29 -21.90 25.54
CA SER A 141 -11.87 -21.65 25.69
C SER A 141 -11.15 -22.02 24.42
N VAL A 142 -10.29 -21.12 23.97
CA VAL A 142 -9.52 -21.32 22.77
C VAL A 142 -8.54 -22.46 23.02
N ARG A 143 -8.80 -23.60 22.41
CA ARG A 143 -7.95 -24.75 22.59
C ARG A 143 -7.98 -25.36 21.18
N GLU A 144 -7.22 -26.43 20.98
CA GLU A 144 -7.19 -27.10 19.67
C GLU A 144 -6.74 -26.03 18.67
N PRO A 145 -5.47 -25.62 18.79
CA PRO A 145 -4.95 -24.60 17.87
C PRO A 145 -5.11 -24.92 16.39
N MET A 146 -4.82 -23.91 15.59
CA MET A 146 -4.91 -24.01 14.13
C MET A 146 -3.52 -23.71 13.58
N GLN A 147 -3.06 -24.58 12.70
CA GLN A 147 -1.72 -24.46 12.13
C GLN A 147 -1.58 -23.50 10.91
N THR A 148 -0.80 -22.42 11.06
CA THR A 148 -0.60 -21.52 9.92
C THR A 148 0.31 -22.28 8.98
N GLY A 149 1.37 -22.88 9.55
CA GLY A 149 2.35 -23.65 8.80
C GLY A 149 3.59 -22.79 8.70
N ILE A 150 3.38 -21.56 9.12
CA ILE A 150 4.46 -20.56 9.13
C ILE A 150 5.15 -20.73 10.49
N LYS A 151 6.41 -21.18 10.42
CA LYS A 151 7.20 -21.45 11.60
C LYS A 151 7.09 -20.25 12.51
N ALA A 152 7.85 -19.19 12.16
CA ALA A 152 7.85 -17.92 12.91
C ALA A 152 6.49 -17.59 13.48
N VAL A 153 5.43 -17.84 12.73
CA VAL A 153 4.07 -17.50 13.20
C VAL A 153 3.73 -18.40 14.33
N ASP A 154 3.21 -19.59 14.01
CA ASP A 154 2.80 -20.53 15.01
C ASP A 154 3.74 -20.61 16.21
N SER A 155 4.96 -21.11 16.02
CA SER A 155 5.93 -21.23 17.13
C SER A 155 5.90 -19.98 17.97
N LEU A 156 6.40 -18.88 17.42
CA LEU A 156 6.41 -17.60 18.19
C LEU A 156 5.01 -17.24 18.60
N VAL A 157 4.25 -16.84 17.60
CA VAL A 157 2.84 -16.42 17.74
C VAL A 157 1.89 -17.54 17.30
N PRO A 158 1.45 -18.36 18.27
CA PRO A 158 0.55 -19.41 17.91
C PRO A 158 -0.88 -18.97 17.86
N ILE A 159 -1.56 -19.39 16.82
CA ILE A 159 -2.94 -18.99 16.69
C ILE A 159 -3.84 -20.11 17.15
N GLY A 160 -4.73 -19.84 18.12
CA GLY A 160 -5.66 -20.88 18.61
C GLY A 160 -6.90 -20.75 17.75
N ARG A 161 -7.80 -21.75 17.82
CA ARG A 161 -9.00 -21.79 16.98
C ARG A 161 -10.23 -21.12 17.68
N GLY A 162 -11.02 -20.37 16.91
CA GLY A 162 -12.16 -19.66 17.42
C GLY A 162 -11.85 -18.26 17.86
N GLN A 163 -10.62 -17.82 17.60
CA GLN A 163 -10.20 -16.51 17.99
C GLN A 163 -9.91 -15.51 16.90
N ARG A 164 -9.71 -14.26 17.28
CA ARG A 164 -9.42 -13.24 16.30
C ARG A 164 -7.97 -12.79 16.44
N GLU A 165 -7.18 -13.11 15.41
CA GLU A 165 -5.76 -12.68 15.37
C GLU A 165 -5.60 -11.56 14.30
N LEU A 166 -5.28 -10.35 14.74
CA LEU A 166 -5.11 -9.16 13.88
C LEU A 166 -3.77 -9.13 13.18
N ILE A 167 -3.73 -9.14 11.85
CA ILE A 167 -2.45 -9.04 11.21
C ILE A 167 -2.30 -7.67 10.61
N ILE A 168 -1.74 -6.74 11.37
CA ILE A 168 -1.54 -5.39 10.89
C ILE A 168 -0.22 -5.42 10.11
N GLY A 169 0.07 -4.38 9.34
CA GLY A 169 1.30 -4.36 8.56
C GLY A 169 1.20 -3.37 7.42
N ASP A 170 2.26 -2.61 7.11
CA ASP A 170 2.16 -1.63 6.02
C ASP A 170 2.04 -2.28 4.62
N ARG A 171 2.06 -1.43 3.59
CA ARG A 171 1.99 -1.84 2.20
C ARG A 171 3.16 -2.78 1.97
N GLN A 172 3.04 -3.68 1.00
CA GLN A 172 4.13 -4.63 0.75
C GLN A 172 4.75 -5.12 2.02
N THR A 173 4.14 -6.10 2.69
CA THR A 173 4.77 -6.58 3.90
C THR A 173 4.46 -8.03 4.16
N GLY A 174 3.50 -8.63 3.46
CA GLY A 174 3.30 -10.05 3.68
C GLY A 174 1.99 -10.44 4.25
N LYS A 175 1.15 -9.50 4.61
CA LYS A 175 -0.10 -9.86 5.19
C LYS A 175 -0.90 -10.82 4.35
N THR A 176 -0.93 -10.62 3.04
CA THR A 176 -1.76 -11.57 2.27
C THR A 176 -1.10 -12.94 2.01
N SER A 177 0.22 -12.93 1.93
CA SER A 177 0.93 -14.18 1.75
C SER A 177 0.79 -15.03 3.01
N ILE A 178 1.09 -14.49 4.17
CA ILE A 178 1.04 -15.26 5.41
C ILE A 178 -0.34 -15.91 5.54
N ALA A 179 -1.36 -15.08 5.39
CA ALA A 179 -2.71 -15.59 5.46
C ALA A 179 -2.89 -16.59 4.36
N ILE A 180 -2.23 -16.37 3.23
CA ILE A 180 -2.40 -17.36 2.15
C ILE A 180 -1.64 -18.67 2.47
N ASP A 181 -0.61 -18.59 3.31
CA ASP A 181 0.12 -19.79 3.66
C ASP A 181 -0.71 -20.46 4.70
N THR A 182 -1.15 -19.67 5.66
CA THR A 182 -1.94 -20.18 6.76
C THR A 182 -3.11 -20.96 6.24
N ILE A 183 -3.60 -20.57 5.09
CA ILE A 183 -4.75 -21.23 4.51
C ILE A 183 -4.27 -22.45 3.71
N ILE A 184 -3.12 -22.34 3.08
CA ILE A 184 -2.63 -23.42 2.24
C ILE A 184 -2.28 -24.62 3.10
N ASN A 185 -1.99 -24.32 4.37
CA ASN A 185 -1.61 -25.35 5.35
C ASN A 185 -2.62 -26.44 5.70
N GLN A 186 -3.89 -26.21 5.39
CA GLN A 186 -4.97 -27.15 5.76
C GLN A 186 -5.07 -28.31 4.79
N LYS A 187 -4.27 -28.23 3.73
CA LYS A 187 -4.20 -29.23 2.64
C LYS A 187 -4.38 -30.65 3.13
N ARG A 188 -3.25 -31.21 3.52
CA ARG A 188 -3.17 -32.54 4.01
C ARG A 188 -4.29 -32.90 4.98
N PHE A 189 -4.88 -31.87 5.58
CA PHE A 189 -5.96 -32.08 6.54
C PHE A 189 -7.30 -32.33 5.86
N ASN A 190 -7.66 -31.53 4.86
CA ASN A 190 -8.95 -31.64 4.22
C ASN A 190 -9.27 -32.91 3.41
N ASP A 191 -8.44 -33.96 3.53
CA ASP A 191 -8.65 -35.23 2.84
C ASP A 191 -8.19 -36.45 3.66
N GLY A 192 -7.54 -36.17 4.81
CA GLY A 192 -7.09 -37.22 5.68
C GLY A 192 -8.15 -37.77 6.64
N THR A 193 -7.70 -38.27 7.79
CA THR A 193 -8.56 -38.90 8.79
C THR A 193 -9.38 -37.92 9.66
N ASP A 194 -8.88 -37.64 10.87
CA ASP A 194 -9.54 -36.79 11.86
C ASP A 194 -10.27 -35.60 11.33
N GLU A 195 -11.58 -35.80 11.11
CA GLU A 195 -12.48 -34.72 10.59
C GLU A 195 -12.40 -33.41 11.38
N LYS A 196 -12.40 -33.55 12.70
CA LYS A 196 -12.30 -32.44 13.63
C LYS A 196 -10.95 -31.71 13.42
N LYS A 197 -9.93 -32.44 12.98
CA LYS A 197 -8.61 -31.86 12.72
C LYS A 197 -8.57 -31.37 11.27
N LYS A 198 -9.53 -30.52 10.90
CA LYS A 198 -9.62 -29.99 9.55
C LYS A 198 -9.70 -28.48 9.60
N LEU A 199 -10.12 -27.90 8.48
CA LEU A 199 -10.33 -26.45 8.35
C LEU A 199 -10.73 -25.96 6.96
N TYR A 200 -11.91 -25.35 6.94
CA TYR A 200 -12.46 -24.78 5.73
C TYR A 200 -12.04 -23.31 5.74
N CYS A 201 -11.90 -22.72 4.53
CA CYS A 201 -11.43 -21.35 4.46
C CYS A 201 -12.28 -20.31 3.71
N ILE A 202 -12.47 -19.15 4.34
CA ILE A 202 -13.25 -18.07 3.74
C ILE A 202 -12.36 -16.86 3.57
N TYR A 203 -12.02 -16.58 2.31
CA TYR A 203 -11.16 -15.43 2.03
C TYR A 203 -11.97 -14.27 1.51
N VAL A 204 -11.98 -13.18 2.29
CA VAL A 204 -12.69 -11.93 1.97
C VAL A 204 -11.68 -10.93 1.40
N ALA A 205 -11.98 -10.41 0.22
CA ALA A 205 -11.19 -9.40 -0.48
C ALA A 205 -11.99 -8.14 -0.49
N ILE A 206 -11.45 -7.11 0.16
CA ILE A 206 -12.13 -5.79 0.26
C ILE A 206 -11.29 -4.64 -0.33
N GLY A 207 -11.71 -4.18 -1.51
CA GLY A 207 -11.04 -3.03 -2.12
C GLY A 207 -10.20 -3.43 -3.31
N GLN A 208 -9.22 -4.31 -3.06
CA GLN A 208 -8.29 -4.90 -4.02
C GLN A 208 -8.67 -4.91 -5.50
N LYS A 209 -7.64 -4.91 -6.34
CA LYS A 209 -7.85 -4.99 -7.75
C LYS A 209 -8.36 -6.38 -8.04
N ARG A 210 -9.41 -6.48 -8.86
CA ARG A 210 -9.92 -7.82 -9.16
C ARG A 210 -9.00 -8.75 -9.95
N SER A 211 -7.74 -8.29 -10.13
CA SER A 211 -6.72 -9.04 -10.80
C SER A 211 -5.90 -9.65 -9.70
N THR A 212 -5.66 -8.87 -8.65
CA THR A 212 -4.91 -9.38 -7.50
C THR A 212 -5.72 -10.58 -6.97
N VAL A 213 -7.05 -10.43 -6.98
CA VAL A 213 -7.91 -11.53 -6.52
C VAL A 213 -7.76 -12.73 -7.45
N ALA A 214 -7.72 -12.51 -8.78
CA ALA A 214 -7.58 -13.62 -9.71
C ALA A 214 -6.20 -14.24 -9.57
N GLN A 215 -5.28 -13.46 -9.01
CA GLN A 215 -3.94 -13.93 -8.76
C GLN A 215 -4.00 -14.99 -7.69
N LEU A 216 -4.90 -14.80 -6.72
CA LEU A 216 -4.98 -15.73 -5.59
C LEU A 216 -5.81 -16.94 -5.91
N VAL A 217 -6.98 -16.70 -6.51
CA VAL A 217 -7.88 -17.77 -6.90
C VAL A 217 -7.11 -18.75 -7.75
N LYS A 218 -6.43 -18.27 -8.78
CA LYS A 218 -5.63 -19.16 -9.63
C LYS A 218 -4.49 -19.78 -8.79
N ARG A 219 -3.76 -18.96 -8.06
CA ARG A 219 -2.67 -19.48 -7.26
C ARG A 219 -3.11 -20.48 -6.20
N LEU A 220 -4.19 -20.21 -5.50
CA LEU A 220 -4.67 -21.16 -4.52
C LEU A 220 -5.13 -22.40 -5.21
N THR A 221 -5.64 -22.24 -6.44
CA THR A 221 -6.09 -23.38 -7.25
C THR A 221 -4.91 -24.30 -7.61
N ASP A 222 -3.72 -23.71 -7.76
CA ASP A 222 -2.51 -24.47 -8.11
C ASP A 222 -2.25 -25.49 -7.03
N ALA A 223 -2.31 -25.08 -5.76
CA ALA A 223 -2.07 -26.01 -4.65
C ALA A 223 -3.35 -26.74 -4.29
N ASP A 224 -4.31 -26.69 -5.20
CA ASP A 224 -5.62 -27.32 -4.99
C ASP A 224 -6.38 -26.69 -3.83
N ALA A 225 -5.69 -25.80 -3.10
CA ALA A 225 -6.26 -25.11 -1.95
C ALA A 225 -7.68 -24.54 -2.15
N MET A 226 -7.99 -24.14 -3.36
CA MET A 226 -9.30 -23.58 -3.61
C MET A 226 -10.43 -24.60 -3.45
N LYS A 227 -10.08 -25.88 -3.63
CA LYS A 227 -11.03 -27.00 -3.52
C LYS A 227 -11.82 -27.07 -2.17
N TYR A 228 -11.31 -26.43 -1.11
CA TYR A 228 -11.94 -26.39 0.22
C TYR A 228 -12.05 -24.96 0.73
N THR A 229 -12.13 -23.98 -0.17
CA THR A 229 -12.15 -22.59 0.24
C THR A 229 -13.25 -21.87 -0.46
N ILE A 230 -13.69 -20.78 0.17
CA ILE A 230 -14.69 -19.92 -0.39
C ILE A 230 -14.02 -18.57 -0.39
N VAL A 231 -14.12 -17.88 -1.50
CA VAL A 231 -13.51 -16.55 -1.65
C VAL A 231 -14.58 -15.54 -2.12
N VAL A 232 -14.57 -14.37 -1.49
CA VAL A 232 -15.53 -13.30 -1.79
C VAL A 232 -14.85 -11.98 -2.14
N SER A 233 -15.37 -11.32 -3.17
CA SER A 233 -14.76 -10.09 -3.61
C SER A 233 -15.59 -8.84 -3.71
N ALA A 234 -15.02 -7.78 -3.15
CA ALA A 234 -15.57 -6.45 -3.17
C ALA A 234 -14.42 -5.66 -3.70
N THR A 235 -14.16 -5.84 -4.98
CA THR A 235 -13.01 -5.22 -5.67
C THR A 235 -13.34 -3.86 -6.29
N ALA A 236 -12.69 -2.82 -5.75
CA ALA A 236 -12.79 -1.39 -6.15
C ALA A 236 -14.02 -0.88 -6.91
N SER A 237 -14.30 -1.43 -8.09
CA SER A 237 -15.43 -1.05 -8.93
C SER A 237 -16.68 -1.00 -8.11
N ASP A 238 -16.91 -2.12 -7.43
CA ASP A 238 -18.04 -2.30 -6.55
C ASP A 238 -18.23 -1.09 -5.68
N ALA A 239 -19.46 -0.58 -5.67
CA ALA A 239 -19.87 0.57 -4.89
C ALA A 239 -19.62 0.30 -3.42
N ALA A 240 -19.22 1.37 -2.74
CA ALA A 240 -18.87 1.38 -1.32
C ALA A 240 -19.65 0.43 -0.37
N PRO A 241 -20.96 0.30 -0.55
CA PRO A 241 -21.78 -0.57 0.30
C PRO A 241 -21.32 -1.99 0.18
N LEU A 242 -20.85 -2.36 -1.00
CA LEU A 242 -20.43 -3.74 -1.16
C LEU A 242 -19.14 -3.98 -0.41
N GLN A 243 -18.22 -3.05 -0.51
CA GLN A 243 -16.94 -3.19 0.15
C GLN A 243 -17.19 -3.19 1.69
N TYR A 244 -18.41 -2.78 2.06
CA TYR A 244 -18.89 -2.68 3.45
C TYR A 244 -19.55 -3.98 3.88
N LEU A 245 -20.60 -4.35 3.17
CA LEU A 245 -21.34 -5.54 3.47
C LEU A 245 -20.55 -6.81 3.28
N ALA A 246 -19.46 -6.73 2.52
CA ALA A 246 -18.64 -7.92 2.29
C ALA A 246 -18.17 -8.77 3.47
N PRO A 247 -17.48 -8.19 4.45
CA PRO A 247 -17.02 -8.97 5.60
C PRO A 247 -18.18 -9.63 6.35
N TYR A 248 -19.24 -8.86 6.53
CA TYR A 248 -20.41 -9.35 7.23
C TYR A 248 -21.00 -10.45 6.36
N SER A 249 -20.44 -10.68 5.18
CA SER A 249 -20.99 -11.72 4.33
C SER A 249 -20.16 -12.95 4.47
N GLY A 250 -18.89 -12.72 4.79
CA GLY A 250 -18.00 -13.82 4.95
C GLY A 250 -18.14 -14.43 6.33
N CYS A 251 -18.41 -13.55 7.29
CA CYS A 251 -18.60 -13.96 8.68
C CYS A 251 -19.64 -15.03 8.59
N SER A 252 -20.77 -14.70 8.00
CA SER A 252 -21.88 -15.66 7.90
C SER A 252 -21.52 -16.96 7.18
N MET A 253 -20.54 -16.88 6.29
CA MET A 253 -20.13 -18.04 5.53
C MET A 253 -19.65 -19.04 6.53
N GLY A 254 -18.63 -18.64 7.27
CA GLY A 254 -18.07 -19.53 8.27
C GLY A 254 -19.03 -19.90 9.38
N GLU A 255 -19.91 -18.97 9.75
CA GLU A 255 -20.82 -19.27 10.82
C GLU A 255 -21.59 -20.54 10.57
N TYR A 256 -21.69 -20.95 9.29
CA TYR A 256 -22.33 -22.18 8.95
C TYR A 256 -21.58 -23.29 9.71
N PHE A 257 -20.23 -23.24 9.68
CA PHE A 257 -19.43 -24.27 10.34
C PHE A 257 -19.41 -24.09 11.84
N ARG A 258 -19.09 -22.90 12.25
CA ARG A 258 -19.05 -22.57 13.70
C ARG A 258 -20.37 -22.87 14.37
N ASP A 259 -21.39 -23.20 13.58
CA ASP A 259 -22.69 -23.56 14.13
C ASP A 259 -23.08 -24.96 13.70
N ASN A 260 -22.16 -25.67 13.08
CA ASN A 260 -22.44 -27.05 12.68
C ASN A 260 -21.27 -27.98 13.03
N GLY A 261 -20.61 -27.71 14.13
CA GLY A 261 -19.51 -28.53 14.60
C GLY A 261 -18.21 -28.26 13.84
N LYS A 262 -18.33 -28.21 12.51
CA LYS A 262 -17.21 -27.94 11.56
C LYS A 262 -16.50 -26.63 11.95
N HIS A 263 -15.24 -26.45 11.51
CA HIS A 263 -14.48 -25.22 11.82
C HIS A 263 -14.16 -24.44 10.57
N ALA A 264 -13.66 -23.23 10.75
CA ALA A 264 -13.31 -22.43 9.59
C ALA A 264 -12.31 -21.31 9.84
N LEU A 265 -11.73 -20.84 8.74
CA LEU A 265 -10.75 -19.78 8.77
C LEU A 265 -11.14 -18.69 7.83
N ILE A 266 -11.47 -17.53 8.37
CA ILE A 266 -11.87 -16.43 7.53
C ILE A 266 -10.83 -15.38 7.60
N ILE A 267 -10.55 -14.74 6.48
CA ILE A 267 -9.57 -13.67 6.40
C ILE A 267 -10.24 -12.43 5.87
N TYR A 268 -10.22 -11.37 6.65
CA TYR A 268 -10.85 -10.14 6.18
C TYR A 268 -9.74 -9.24 5.64
N ASP A 269 -9.37 -9.48 4.37
CA ASP A 269 -8.30 -8.71 3.77
C ASP A 269 -8.67 -7.22 3.64
N ASP A 270 -8.09 -6.42 4.52
CA ASP A 270 -8.26 -4.99 4.59
C ASP A 270 -9.55 -4.50 5.13
N LEU A 271 -9.65 -4.43 6.44
CA LEU A 271 -10.82 -3.88 7.09
C LEU A 271 -10.58 -2.41 7.06
N SER A 272 -9.31 -2.10 6.99
CA SER A 272 -8.82 -0.73 6.88
C SER A 272 -9.46 -0.09 5.67
N LYS A 273 -9.36 -0.78 4.52
CA LYS A 273 -9.94 -0.26 3.29
C LYS A 273 -11.43 -0.23 3.42
N GLN A 274 -11.98 -0.95 4.39
CA GLN A 274 -13.41 -0.96 4.54
C GLN A 274 -13.70 0.27 5.37
N ALA A 275 -12.71 0.74 6.09
CA ALA A 275 -12.90 1.90 6.89
C ALA A 275 -12.94 3.07 5.91
N VAL A 276 -11.98 3.11 5.00
CA VAL A 276 -11.96 4.11 3.96
C VAL A 276 -13.33 4.02 3.29
N ALA A 277 -13.87 2.82 3.10
CA ALA A 277 -15.12 2.63 2.41
C ALA A 277 -16.40 2.77 3.21
N TYR A 278 -16.32 2.89 4.53
CA TYR A 278 -17.57 3.02 5.30
C TYR A 278 -18.00 4.46 5.40
N ARG A 279 -17.07 5.29 5.81
CA ARG A 279 -17.41 6.67 5.97
C ARG A 279 -18.17 7.20 4.77
N GLN A 280 -17.77 6.77 3.57
CA GLN A 280 -18.40 7.19 2.33
C GLN A 280 -19.88 7.13 2.48
N MET A 281 -20.39 5.90 2.56
CA MET A 281 -21.81 5.60 2.70
C MET A 281 -22.59 6.43 3.74
N SER A 282 -22.05 6.59 4.95
CA SER A 282 -22.70 7.33 6.02
C SER A 282 -22.75 8.86 5.74
N LEU A 283 -21.65 9.43 5.29
CA LEU A 283 -21.61 10.85 5.02
C LEU A 283 -22.69 11.24 4.02
N LEU A 284 -22.92 10.37 3.05
CA LEU A 284 -23.93 10.61 2.03
C LEU A 284 -25.39 10.50 2.56
N LEU A 285 -25.56 9.99 3.81
CA LEU A 285 -26.91 9.86 4.39
C LEU A 285 -27.04 11.00 5.32
N ARG A 286 -25.97 11.78 5.37
CA ARG A 286 -25.88 12.95 6.22
C ARG A 286 -25.87 12.61 7.72
N ARG A 287 -25.17 11.52 8.08
CA ARG A 287 -25.03 11.07 9.46
C ARG A 287 -23.77 11.80 9.89
N PRO A 288 -23.90 12.84 10.76
CA PRO A 288 -22.74 13.63 11.21
C PRO A 288 -21.44 12.84 11.38
N PRO A 289 -20.35 13.31 10.75
CA PRO A 289 -19.08 12.61 10.88
C PRO A 289 -18.50 12.92 12.24
N GLY A 290 -17.42 12.22 12.60
CA GLY A 290 -16.76 12.46 13.85
C GLY A 290 -15.26 12.52 13.53
N ARG A 291 -14.56 11.48 13.98
CA ARG A 291 -13.14 11.41 13.72
C ARG A 291 -12.84 10.97 12.29
N GLU A 292 -11.93 11.70 11.58
CA GLU A 292 -11.53 11.47 10.21
C GLU A 292 -12.69 10.93 9.42
N ALA A 293 -13.78 11.69 9.48
CA ALA A 293 -15.03 11.39 8.83
C ALA A 293 -15.70 10.16 9.41
N TYR A 294 -14.93 9.20 9.91
CA TYR A 294 -15.43 7.94 10.51
C TYR A 294 -16.68 8.14 11.40
N PRO A 295 -17.83 7.72 10.88
CA PRO A 295 -19.16 7.80 11.48
C PRO A 295 -19.40 7.55 12.95
N GLY A 296 -18.37 7.68 13.76
CA GLY A 296 -18.51 7.50 15.20
C GLY A 296 -18.58 5.99 15.48
N ASP A 297 -19.64 5.33 14.97
CA ASP A 297 -19.77 3.88 15.17
C ASP A 297 -18.82 3.09 14.20
N VAL A 298 -17.57 3.50 14.30
CA VAL A 298 -16.46 2.95 13.54
C VAL A 298 -15.96 1.81 14.38
N PHE A 299 -16.45 1.80 15.61
CA PHE A 299 -16.10 0.76 16.57
C PHE A 299 -17.04 -0.36 16.31
N TYR A 300 -18.32 -0.08 16.52
CA TYR A 300 -19.42 -1.02 16.32
C TYR A 300 -19.36 -1.57 14.93
N LEU A 301 -18.49 -0.96 14.14
CA LEU A 301 -18.26 -1.36 12.77
C LEU A 301 -17.42 -2.63 12.85
N HIS A 302 -16.27 -2.50 13.50
CA HIS A 302 -15.34 -3.60 13.61
C HIS A 302 -15.44 -4.36 14.96
N SER A 303 -16.38 -3.99 15.84
CA SER A 303 -16.46 -4.78 17.11
C SER A 303 -17.38 -5.88 16.75
N ARG A 304 -18.56 -5.41 16.37
CA ARG A 304 -19.65 -6.19 15.93
C ARG A 304 -19.22 -7.38 15.05
N LEU A 305 -18.25 -7.14 14.18
CA LEU A 305 -17.84 -8.18 13.28
C LEU A 305 -16.93 -9.30 13.88
N LEU A 306 -15.83 -8.86 14.44
CA LEU A 306 -14.84 -9.73 15.00
C LEU A 306 -15.42 -10.55 16.11
N GLU A 307 -16.22 -9.87 16.93
CA GLU A 307 -16.89 -10.49 18.06
C GLU A 307 -17.70 -11.70 17.56
N ARG A 308 -17.88 -11.89 16.26
CA ARG A 308 -18.66 -13.04 15.73
C ARG A 308 -17.86 -14.32 15.47
N ALA A 309 -16.55 -14.20 15.46
CA ALA A 309 -15.69 -15.36 15.27
C ALA A 309 -15.36 -15.78 16.71
N ALA A 310 -16.10 -16.79 17.18
CA ALA A 310 -15.89 -17.26 18.56
C ALA A 310 -15.59 -18.74 18.71
N LYS A 311 -15.35 -19.15 19.97
CA LYS A 311 -15.09 -20.55 20.28
C LYS A 311 -16.38 -21.25 20.73
N MET A 312 -16.64 -22.43 20.17
CA MET A 312 -17.84 -23.15 20.55
C MET A 312 -17.67 -24.35 21.45
N ASN A 313 -18.36 -24.25 22.58
CA ASN A 313 -18.40 -25.25 23.63
C ASN A 313 -19.17 -26.49 23.17
N ASP A 314 -18.67 -27.64 23.63
CA ASP A 314 -19.30 -28.92 23.31
C ASP A 314 -20.78 -28.88 23.45
N SER A 315 -21.18 -28.28 24.55
CA SER A 315 -22.55 -28.14 24.93
C SER A 315 -23.34 -27.29 23.96
N PHE A 316 -22.60 -26.66 23.06
CA PHE A 316 -23.24 -25.85 22.04
C PHE A 316 -22.90 -26.36 20.63
N GLY A 317 -21.81 -27.14 20.48
CA GLY A 317 -21.45 -27.60 19.14
C GLY A 317 -20.00 -28.01 18.95
N GLY A 318 -19.10 -27.33 19.67
CA GLY A 318 -17.69 -27.63 19.56
C GLY A 318 -17.04 -26.99 18.35
N GLY A 319 -17.89 -26.40 17.49
CA GLY A 319 -17.43 -25.75 16.29
C GLY A 319 -16.52 -24.54 16.57
N SER A 320 -16.08 -23.86 15.52
CA SER A 320 -15.19 -22.71 15.71
C SER A 320 -15.14 -21.88 14.44
N LEU A 321 -14.57 -20.70 14.57
CA LEU A 321 -14.33 -19.77 13.51
C LEU A 321 -13.21 -18.89 13.94
N THR A 322 -12.14 -18.93 13.20
CA THR A 322 -11.02 -18.09 13.53
C THR A 322 -10.94 -17.01 12.44
N ALA A 323 -10.67 -15.79 12.89
CA ALA A 323 -10.62 -14.62 11.98
C ALA A 323 -9.33 -13.81 12.15
N LEU A 324 -8.71 -13.45 11.02
CA LEU A 324 -7.49 -12.64 11.03
C LEU A 324 -7.82 -11.44 10.23
N PRO A 325 -8.06 -10.32 10.88
CA PRO A 325 -8.39 -9.11 10.17
C PRO A 325 -7.12 -8.40 9.65
N VAL A 326 -7.10 -8.14 8.36
CA VAL A 326 -5.96 -7.45 7.77
C VAL A 326 -6.11 -5.98 7.94
N ILE A 327 -4.97 -5.35 8.24
CA ILE A 327 -4.96 -3.91 8.43
C ILE A 327 -3.72 -3.24 7.78
N GLU A 328 -3.92 -2.02 7.24
CA GLU A 328 -2.89 -1.19 6.57
C GLU A 328 -2.15 -0.22 7.50
N THR A 329 -0.87 -0.53 7.77
CA THR A 329 -0.07 0.28 8.67
C THR A 329 0.49 1.50 7.96
N GLN A 330 0.16 2.67 8.46
CA GLN A 330 0.62 3.92 7.88
C GLN A 330 1.98 4.32 8.38
N ALA A 331 2.99 3.84 7.65
CA ALA A 331 4.41 4.07 7.92
C ALA A 331 4.98 3.41 9.13
N GLY A 332 4.11 2.73 9.89
CA GLY A 332 4.57 2.08 11.11
C GLY A 332 3.64 2.25 12.29
N ASP A 333 2.74 3.22 12.16
CA ASP A 333 1.79 3.44 13.25
C ASP A 333 0.75 2.39 13.33
N VAL A 334 0.71 1.78 14.51
CA VAL A 334 -0.24 0.75 14.82
C VAL A 334 -1.37 1.30 15.69
N SER A 335 -1.18 2.51 16.20
CA SER A 335 -2.15 3.09 17.09
C SER A 335 -3.06 4.17 16.50
N ALA A 336 -3.23 4.13 15.18
CA ALA A 336 -4.09 5.08 14.50
C ALA A 336 -5.52 4.75 14.82
N TYR A 337 -6.41 5.71 14.64
CA TYR A 337 -7.82 5.52 14.90
C TYR A 337 -8.16 4.54 13.78
N ILE A 338 -8.85 3.48 14.18
CA ILE A 338 -9.27 2.34 13.36
C ILE A 338 -8.33 1.23 13.88
N PRO A 339 -6.99 1.45 13.78
CA PRO A 339 -6.15 0.38 14.33
C PRO A 339 -6.44 0.21 15.83
N THR A 340 -6.46 1.32 16.55
CA THR A 340 -6.75 1.25 18.00
C THR A 340 -8.09 0.55 18.02
N ASN A 341 -9.03 1.14 17.29
CA ASN A 341 -10.38 0.63 17.17
C ASN A 341 -10.40 -0.91 16.96
N VAL A 342 -9.36 -1.44 16.27
CA VAL A 342 -9.32 -2.87 15.97
C VAL A 342 -8.40 -3.69 16.88
N ILE A 343 -7.30 -3.10 17.29
CA ILE A 343 -6.41 -3.83 18.13
C ILE A 343 -7.05 -3.85 19.52
N SER A 344 -7.87 -2.84 19.81
CA SER A 344 -8.58 -2.69 21.08
C SER A 344 -9.61 -3.74 21.18
N ILE A 345 -9.74 -4.64 20.20
CA ILE A 345 -10.75 -5.65 20.28
C ILE A 345 -10.04 -6.97 20.21
N THR A 346 -9.64 -7.31 19.01
CA THR A 346 -8.96 -8.54 18.70
C THR A 346 -8.04 -9.08 19.78
N ASP A 347 -7.95 -10.40 19.90
CA ASP A 347 -7.07 -11.02 20.91
C ASP A 347 -5.89 -11.59 20.16
N GLY A 348 -4.76 -10.87 20.17
CA GLY A 348 -3.57 -11.31 19.46
C GLY A 348 -3.37 -10.58 18.13
N GLN A 349 -2.29 -9.83 18.04
CA GLN A 349 -2.00 -9.04 16.82
C GLN A 349 -0.63 -9.17 16.31
N ILE A 350 -0.51 -9.79 15.13
CA ILE A 350 0.75 -9.97 14.42
C ILE A 350 1.08 -8.77 13.59
N PHE A 351 2.08 -8.01 14.03
CA PHE A 351 2.55 -6.83 13.32
C PHE A 351 3.63 -7.16 12.27
N LEU A 352 3.39 -6.72 11.06
CA LEU A 352 4.31 -6.93 9.95
C LEU A 352 4.90 -5.59 9.57
N GLU A 353 6.23 -5.47 9.70
CA GLU A 353 6.89 -4.21 9.40
C GLU A 353 7.65 -4.13 8.12
N THR A 354 7.25 -3.14 7.30
CA THR A 354 7.89 -2.97 5.98
C THR A 354 9.35 -2.56 6.32
N GLU A 355 9.49 -1.86 7.43
CA GLU A 355 10.78 -1.36 7.90
C GLU A 355 11.89 -2.41 7.90
N LEU A 356 11.49 -3.66 8.14
CA LEU A 356 12.41 -4.78 8.20
C LEU A 356 12.48 -5.51 6.83
N PHE A 357 11.49 -6.36 6.60
CA PHE A 357 11.34 -7.18 5.41
C PHE A 357 12.61 -7.39 4.66
N TYR A 358 12.89 -6.52 3.69
CA TYR A 358 14.09 -6.61 2.82
C TYR A 358 15.35 -7.01 3.53
N LYS A 359 15.40 -6.64 4.80
CA LYS A 359 16.53 -6.99 5.66
C LYS A 359 16.72 -8.49 5.64
N GLY A 360 15.64 -9.17 5.23
CA GLY A 360 15.58 -10.64 5.14
C GLY A 360 14.66 -11.08 6.26
N ILE A 361 14.57 -10.20 7.23
CA ILE A 361 13.74 -10.36 8.37
C ILE A 361 12.33 -10.37 7.87
N ARG A 362 11.91 -11.54 7.44
CA ARG A 362 10.55 -11.73 6.96
C ARG A 362 10.17 -13.00 7.66
N PRO A 363 8.95 -13.08 8.18
CA PRO A 363 7.84 -12.13 8.22
C PRO A 363 8.04 -10.73 8.73
N ALA A 364 9.05 -10.57 9.60
CA ALA A 364 9.33 -9.25 10.19
C ALA A 364 8.33 -8.86 11.28
N ILE A 365 8.38 -9.56 12.40
CA ILE A 365 7.44 -9.33 13.44
C ILE A 365 8.02 -8.60 14.59
N ASN A 366 7.38 -7.51 14.96
CA ASN A 366 7.86 -6.74 16.08
C ASN A 366 7.29 -7.15 17.44
N VAL A 367 8.17 -7.71 18.28
CA VAL A 367 7.79 -8.13 19.63
C VAL A 367 7.89 -6.95 20.61
N GLY A 368 6.79 -6.76 21.31
CA GLY A 368 6.69 -5.65 22.26
C GLY A 368 5.48 -4.86 21.78
N LEU A 369 5.13 -5.02 20.49
CA LEU A 369 4.02 -4.36 19.84
C LEU A 369 3.18 -5.37 19.06
N SER A 370 3.16 -6.59 19.53
CA SER A 370 2.41 -7.69 18.89
C SER A 370 2.37 -8.84 19.90
N VAL A 371 1.20 -9.46 20.05
CA VAL A 371 1.00 -10.55 21.05
C VAL A 371 0.05 -11.64 20.55
N SER A 372 0.02 -12.71 21.33
CA SER A 372 -0.85 -13.84 21.07
C SER A 372 -2.08 -13.70 21.97
N ARG A 373 -1.91 -12.97 23.06
CA ARG A 373 -2.95 -12.65 24.03
C ARG A 373 -3.64 -13.85 24.73
N VAL A 374 -4.20 -14.74 23.92
CA VAL A 374 -4.91 -15.91 24.41
C VAL A 374 -3.99 -16.70 25.29
N GLY A 375 -2.70 -16.40 25.24
CA GLY A 375 -1.75 -17.07 26.08
C GLY A 375 -1.26 -18.37 25.48
N SER A 376 -0.52 -19.16 26.27
CA SER A 376 0.04 -20.46 25.86
C SER A 376 -0.98 -21.56 25.54
N ALA A 377 -2.27 -21.28 25.68
CA ALA A 377 -3.32 -22.26 25.38
C ALA A 377 -3.35 -22.71 23.94
N ALA A 378 -2.97 -21.79 23.08
CA ALA A 378 -2.88 -22.07 21.65
C ALA A 378 -1.71 -23.01 21.38
N GLN A 379 -0.50 -22.58 21.75
CA GLN A 379 0.66 -23.39 21.56
C GLN A 379 0.59 -24.71 22.31
N THR A 380 0.56 -25.81 21.57
CA THR A 380 0.45 -27.14 22.19
C THR A 380 1.74 -27.37 23.01
N ARG A 381 1.70 -28.39 23.84
CA ARG A 381 2.80 -28.78 24.69
C ARG A 381 4.15 -28.72 23.96
N ALA A 382 4.12 -29.07 22.66
CA ALA A 382 5.29 -29.06 21.80
C ALA A 382 5.99 -27.68 21.82
N MET A 383 5.21 -26.66 21.46
CA MET A 383 5.72 -25.31 21.45
C MET A 383 5.85 -24.82 22.87
N LYS A 384 5.08 -25.40 23.76
CA LYS A 384 5.19 -25.03 25.15
C LYS A 384 6.43 -25.57 25.77
N GLN A 385 7.12 -26.38 24.96
CA GLN A 385 8.34 -27.02 25.37
C GLN A 385 9.49 -26.24 24.76
N VAL A 386 9.38 -25.97 23.44
CA VAL A 386 10.43 -25.22 22.73
C VAL A 386 10.24 -23.74 22.67
N ALA A 387 9.14 -23.32 22.06
CA ALA A 387 8.81 -21.90 21.91
C ALA A 387 8.65 -21.09 23.22
N GLY A 388 8.49 -21.76 24.35
CA GLY A 388 8.33 -21.10 25.62
C GLY A 388 9.31 -19.95 25.90
N THR A 389 10.46 -19.95 25.24
CA THR A 389 11.51 -18.94 25.43
C THR A 389 11.63 -17.99 24.24
N MET A 390 11.47 -18.53 23.06
CA MET A 390 11.52 -17.75 21.82
C MET A 390 11.03 -16.31 21.74
N LYS A 391 9.73 -16.04 21.94
CA LYS A 391 9.16 -14.67 21.83
C LYS A 391 9.48 -13.63 22.94
N LEU A 392 9.64 -14.04 24.20
CA LEU A 392 9.99 -13.08 25.24
C LEU A 392 11.50 -13.01 25.50
N GLU A 393 12.25 -13.89 24.84
CA GLU A 393 13.72 -13.86 24.91
C GLU A 393 14.09 -12.62 24.09
N LEU A 394 13.23 -12.37 23.11
CA LEU A 394 13.31 -11.25 22.19
C LEU A 394 12.46 -10.05 22.64
N ALA A 395 11.73 -10.19 23.75
CA ALA A 395 10.86 -9.07 24.22
C ALA A 395 11.73 -7.97 24.84
N GLN A 396 12.78 -8.37 25.57
CA GLN A 396 13.74 -7.42 26.19
C GLN A 396 15.04 -7.40 25.35
N TYR A 397 15.25 -8.45 24.56
CA TYR A 397 16.42 -8.55 23.66
C TYR A 397 16.45 -7.37 22.64
N ARG A 398 15.30 -6.74 22.46
CA ARG A 398 15.04 -5.61 21.58
C ARG A 398 15.81 -4.39 22.13
N GLU A 399 16.44 -4.62 23.28
CA GLU A 399 17.25 -3.63 24.00
C GLU A 399 18.69 -4.02 23.69
N VAL A 400 19.08 -5.21 24.14
CA VAL A 400 20.45 -5.70 23.90
C VAL A 400 20.84 -5.83 22.43
N ALA A 401 19.89 -6.23 21.60
CA ALA A 401 20.15 -6.35 20.17
C ALA A 401 20.18 -4.92 19.66
N ALA A 402 19.77 -4.02 20.56
CA ALA A 402 19.72 -2.58 20.37
C ALA A 402 20.80 -1.92 21.23
N PHE A 403 21.85 -2.68 21.54
CA PHE A 403 22.97 -2.20 22.34
C PHE A 403 24.27 -2.86 21.84
N ALA A 404 24.36 -4.17 21.95
CA ALA A 404 25.53 -4.92 21.51
C ALA A 404 26.34 -4.19 20.43
N GLN A 405 25.65 -3.50 19.53
CA GLN A 405 26.32 -2.77 18.45
C GLN A 405 27.36 -1.80 18.95
N PHE A 406 27.55 -1.75 20.25
CA PHE A 406 28.56 -0.84 20.75
C PHE A 406 29.13 -1.24 22.04
N GLY A 407 28.93 -2.48 22.40
CA GLY A 407 29.50 -2.89 23.64
C GLY A 407 30.98 -2.96 23.43
N SER A 408 31.60 -3.51 24.45
CA SER A 408 33.01 -3.69 24.50
C SER A 408 33.14 -4.19 25.93
N ASP A 409 33.48 -3.29 26.84
CA ASP A 409 33.66 -3.61 28.25
C ASP A 409 32.41 -3.59 29.15
N LEU A 410 31.71 -4.71 29.22
CA LEU A 410 30.52 -4.79 30.05
C LEU A 410 30.63 -6.07 30.86
N ASP A 411 29.57 -6.87 30.83
CA ASP A 411 29.53 -8.18 31.47
C ASP A 411 30.04 -9.02 30.31
N ALA A 412 31.30 -9.39 30.35
CA ALA A 412 31.90 -10.18 29.28
C ALA A 412 30.96 -11.17 28.64
N ALA A 413 30.51 -12.14 29.41
CA ALA A 413 29.65 -13.18 28.91
C ALA A 413 28.17 -12.89 28.69
N THR A 414 27.76 -11.62 28.72
CA THR A 414 26.35 -11.28 28.48
C THR A 414 26.04 -11.59 27.00
N GLN A 415 27.09 -11.90 26.24
CA GLN A 415 27.01 -12.22 24.81
C GLN A 415 26.13 -13.43 24.48
N GLN A 416 25.78 -14.24 25.47
CA GLN A 416 24.97 -15.43 25.19
C GLN A 416 23.53 -15.11 24.81
N LEU A 417 22.96 -14.20 25.60
CA LEU A 417 21.59 -13.77 25.41
C LEU A 417 21.52 -13.06 24.05
N LEU A 418 22.71 -12.71 23.54
CA LEU A 418 22.87 -12.04 22.25
C LEU A 418 23.10 -13.04 21.13
N SER A 419 24.01 -14.01 21.37
CA SER A 419 24.31 -15.06 20.40
C SER A 419 23.02 -15.76 20.08
N ARG A 420 22.07 -15.66 21.03
CA ARG A 420 20.78 -16.31 20.88
C ARG A 420 19.70 -15.60 20.14
N GLY A 421 20.00 -14.42 19.58
CA GLY A 421 18.95 -13.70 18.83
C GLY A 421 19.28 -13.87 17.33
N VAL A 422 20.53 -13.56 17.01
CA VAL A 422 21.07 -13.62 15.66
C VAL A 422 20.86 -14.97 14.97
N ARG A 423 21.61 -15.97 15.41
CA ARG A 423 21.58 -17.31 14.83
C ARG A 423 20.14 -17.81 14.69
N LEU A 424 19.36 -17.70 15.78
CA LEU A 424 17.96 -18.12 15.82
C LEU A 424 17.06 -17.34 14.87
N THR A 425 17.36 -16.06 14.79
CA THR A 425 16.64 -15.18 13.94
C THR A 425 16.64 -15.76 12.56
N GLU A 426 17.79 -16.28 12.13
CA GLU A 426 17.86 -16.87 10.77
C GLU A 426 17.05 -18.17 10.67
N LEU A 427 16.52 -18.68 11.81
CA LEU A 427 15.70 -19.92 11.86
C LEU A 427 14.30 -19.41 12.02
N LEU A 428 14.20 -18.20 12.56
CA LEU A 428 12.93 -17.57 12.79
C LEU A 428 12.37 -16.90 11.53
N LYS A 429 13.08 -16.95 10.40
CA LYS A 429 12.64 -16.31 9.17
C LYS A 429 11.99 -17.20 8.11
N GLN A 430 10.88 -17.84 8.47
CA GLN A 430 10.14 -18.69 7.53
C GLN A 430 9.90 -17.85 6.28
N GLY A 431 9.83 -18.49 5.14
CA GLY A 431 9.59 -17.79 3.94
C GLY A 431 9.62 -18.68 2.75
N GLN A 432 8.47 -18.80 2.12
CA GLN A 432 8.25 -19.66 0.96
C GLN A 432 6.72 -19.80 0.74
N TYR A 433 6.34 -20.37 -0.41
CA TYR A 433 4.96 -20.67 -0.78
C TYR A 433 4.63 -22.07 -0.21
N SER A 434 5.42 -22.53 0.76
CA SER A 434 5.25 -23.84 1.38
C SER A 434 5.27 -23.85 2.95
N PRO A 435 4.31 -24.57 3.59
CA PRO A 435 4.24 -24.64 5.07
C PRO A 435 4.93 -25.91 5.61
N MET A 436 5.64 -25.76 6.72
CA MET A 436 6.32 -26.89 7.32
C MET A 436 5.48 -27.35 8.52
N ALA A 437 4.73 -28.45 8.31
CA ALA A 437 3.86 -29.02 9.32
C ALA A 437 4.34 -28.90 10.72
N ILE A 438 3.50 -29.10 11.70
CA ILE A 438 3.85 -28.94 13.10
C ILE A 438 5.03 -29.74 13.60
N GLU A 439 5.12 -30.99 13.14
CA GLU A 439 6.19 -31.87 13.56
C GLU A 439 7.54 -31.59 12.90
N GLU A 440 7.57 -30.71 11.91
CA GLU A 440 8.81 -30.32 11.23
C GLU A 440 9.30 -29.03 11.89
N GLN A 441 8.30 -28.30 12.36
CA GLN A 441 8.43 -27.03 13.06
C GLN A 441 8.93 -27.37 14.47
N VAL A 442 8.64 -28.62 14.88
CA VAL A 442 9.06 -29.14 16.15
C VAL A 442 10.51 -29.65 15.90
N ALA A 443 10.87 -29.81 14.62
CA ALA A 443 12.19 -30.31 14.22
C ALA A 443 13.34 -29.30 14.23
N VAL A 444 13.30 -28.34 13.31
CA VAL A 444 14.35 -27.32 13.17
C VAL A 444 14.51 -26.25 14.27
N ILE A 445 13.45 -25.56 14.66
CA ILE A 445 13.57 -24.52 15.70
C ILE A 445 14.03 -25.06 17.04
N TYR A 446 13.40 -26.15 17.46
CA TYR A 446 13.72 -26.80 18.71
C TYR A 446 15.23 -26.88 18.85
N ALA A 447 15.86 -27.30 17.76
CA ALA A 447 17.30 -27.47 17.67
C ALA A 447 18.06 -26.21 18.13
N GLY A 448 17.39 -25.08 18.02
CA GLY A 448 18.00 -23.83 18.42
C GLY A 448 17.73 -23.44 19.85
N VAL A 449 16.45 -23.51 20.21
CA VAL A 449 16.03 -23.16 21.56
C VAL A 449 16.96 -23.95 22.48
N ARG A 450 17.25 -25.18 22.03
CA ARG A 450 18.16 -26.07 22.72
C ARG A 450 19.46 -25.77 21.96
N GLY A 451 20.11 -24.68 22.35
CA GLY A 451 21.33 -24.27 21.68
C GLY A 451 22.41 -25.31 21.38
N TYR A 452 22.36 -25.87 20.15
CA TYR A 452 23.33 -26.88 19.62
C TYR A 452 24.02 -26.37 18.32
N LEU A 453 23.21 -25.83 17.38
CA LEU A 453 23.72 -25.26 16.14
C LEU A 453 24.51 -24.06 16.61
N ASP A 454 23.83 -23.28 17.46
CA ASP A 454 24.39 -22.09 18.11
C ASP A 454 25.65 -21.49 17.56
N LYS A 455 26.73 -21.42 18.36
CA LYS A 455 28.02 -20.82 18.05
C LYS A 455 28.33 -20.45 16.61
N LEU A 456 28.27 -21.46 15.75
CA LEU A 456 28.57 -21.34 14.32
C LEU A 456 28.01 -20.03 13.75
N GLU A 457 28.88 -19.30 13.03
CA GLU A 457 28.45 -18.06 12.39
C GLU A 457 27.25 -18.38 11.55
N PRO A 458 26.16 -17.60 11.70
CA PRO A 458 24.90 -17.82 10.95
C PRO A 458 24.97 -18.23 9.44
N SER A 459 24.98 -17.25 8.54
CA SER A 459 24.97 -17.40 7.10
C SER A 459 24.32 -18.64 6.44
N LYS A 460 24.94 -19.79 6.64
CA LYS A 460 24.47 -21.04 6.08
C LYS A 460 23.24 -21.68 6.80
N ILE A 461 22.88 -21.19 7.99
CA ILE A 461 21.73 -21.72 8.73
C ILE A 461 20.49 -22.05 7.89
N THR A 462 20.33 -21.23 6.85
CA THR A 462 19.24 -21.33 5.89
C THR A 462 19.24 -22.71 5.22
N LYS A 463 20.44 -23.28 5.09
CA LYS A 463 20.57 -24.56 4.45
C LYS A 463 20.26 -25.68 5.44
N PHE A 464 20.29 -25.39 6.73
CA PHE A 464 19.99 -26.41 7.73
C PHE A 464 18.51 -26.71 7.64
N GLU A 465 17.71 -25.62 7.86
CA GLU A 465 16.25 -25.59 7.88
C GLU A 465 15.73 -26.20 6.55
N SER A 466 16.51 -26.05 5.47
CA SER A 466 16.18 -26.54 4.14
C SER A 466 16.48 -28.03 3.97
N ALA A 467 17.72 -28.36 4.33
CA ALA A 467 18.24 -29.70 4.23
C ALA A 467 17.88 -30.61 5.36
N PHE A 468 17.82 -30.06 6.57
CA PHE A 468 17.43 -30.87 7.73
C PHE A 468 16.18 -31.68 7.34
N LEU A 469 15.28 -31.11 6.48
CA LEU A 469 14.00 -31.76 6.06
C LEU A 469 14.24 -32.82 4.96
N SER A 470 14.93 -32.44 3.89
CA SER A 470 15.21 -33.35 2.78
C SER A 470 16.04 -34.53 3.29
N HIS A 471 16.65 -34.31 4.46
CA HIS A 471 17.51 -35.25 5.23
C HIS A 471 16.53 -36.06 6.16
N VAL A 472 15.48 -35.38 6.69
CA VAL A 472 14.44 -35.95 7.59
C VAL A 472 13.41 -36.85 6.87
N VAL A 473 12.90 -36.38 5.73
CA VAL A 473 11.93 -37.14 4.98
C VAL A 473 12.61 -38.26 4.13
N SER A 474 13.92 -38.41 4.33
CA SER A 474 14.74 -39.36 3.60
C SER A 474 15.25 -40.48 4.48
N GLN A 475 15.29 -40.24 5.79
CA GLN A 475 15.78 -41.24 6.74
C GLN A 475 15.08 -41.16 8.15
N HIS A 476 14.86 -39.94 8.63
CA HIS A 476 14.22 -39.69 9.95
C HIS A 476 12.69 -39.60 9.79
N GLN A 477 12.04 -40.69 9.40
CA GLN A 477 10.57 -40.68 9.22
C GLN A 477 9.84 -41.15 10.52
N SER A 478 10.63 -41.41 11.56
CA SER A 478 10.04 -41.86 12.83
C SER A 478 9.95 -40.77 13.88
N LEU A 479 10.94 -39.91 13.93
CA LEU A 479 10.99 -38.82 14.89
C LEU A 479 9.75 -37.88 14.82
N LEU A 480 9.35 -37.54 13.59
CA LEU A 480 8.14 -36.74 13.42
C LEU A 480 6.92 -37.52 13.91
N GLY A 481 7.01 -38.84 13.76
CA GLY A 481 5.95 -39.75 14.21
C GLY A 481 5.68 -39.83 15.69
N ASN A 482 6.61 -39.28 16.49
CA ASN A 482 6.49 -39.26 17.96
C ASN A 482 5.71 -38.02 18.47
N ILE A 483 5.19 -37.22 17.53
CA ILE A 483 4.37 -36.06 17.85
C ILE A 483 2.94 -36.45 17.44
N ARG A 484 2.77 -37.53 16.60
CA ARG A 484 1.46 -38.04 16.21
C ARG A 484 1.18 -39.28 17.06
N SER A 485 2.02 -39.48 18.07
CA SER A 485 1.92 -40.55 19.09
C SER A 485 1.86 -39.91 20.51
N ASP A 486 2.96 -39.25 20.91
CA ASP A 486 3.04 -38.57 22.20
C ASP A 486 2.57 -37.14 22.03
N GLY A 487 2.82 -36.51 20.90
CA GLY A 487 2.35 -35.13 20.67
C GLY A 487 3.13 -34.12 21.50
N LYS A 488 4.45 -34.35 21.59
CA LYS A 488 5.31 -33.47 22.36
C LYS A 488 6.70 -33.95 22.01
N ILE A 489 7.71 -33.46 22.69
CA ILE A 489 9.07 -33.91 22.46
C ILE A 489 9.38 -35.08 23.39
N SER A 490 9.87 -36.17 22.79
CA SER A 490 10.26 -37.38 23.54
C SER A 490 11.61 -37.25 24.16
N GLU A 491 11.81 -37.98 25.23
CA GLU A 491 13.09 -38.02 25.91
C GLU A 491 14.04 -38.63 24.91
N GLN A 492 13.48 -39.61 24.21
CA GLN A 492 14.18 -40.34 23.14
C GLN A 492 14.67 -39.49 22.00
N SER A 493 13.75 -39.10 21.14
CA SER A 493 14.05 -38.24 19.93
C SER A 493 14.80 -36.98 20.27
N ASP A 494 14.85 -36.64 21.56
CA ASP A 494 15.62 -35.44 21.97
C ASP A 494 17.03 -35.79 21.63
N ALA A 495 17.39 -37.00 22.05
CA ALA A 495 18.72 -37.56 21.81
C ALA A 495 18.93 -37.72 20.32
N LYS A 496 18.02 -38.44 19.66
CA LYS A 496 18.08 -38.69 18.21
C LYS A 496 18.36 -37.49 17.34
N LEU A 497 17.61 -36.43 17.63
CA LEU A 497 17.72 -35.14 16.95
C LEU A 497 19.09 -34.57 17.29
N LYS A 498 19.34 -34.50 18.61
CA LYS A 498 20.57 -34.04 19.14
C LYS A 498 21.81 -34.70 18.51
N GLU A 499 21.63 -35.83 17.84
CA GLU A 499 22.70 -36.58 17.13
C GLU A 499 22.89 -36.21 15.64
N ILE A 500 21.80 -35.88 14.96
CA ILE A 500 21.87 -35.47 13.57
C ILE A 500 22.29 -33.97 13.56
N VAL A 501 21.93 -33.20 14.60
CA VAL A 501 22.29 -31.78 14.71
C VAL A 501 23.76 -31.57 15.04
N THR A 502 24.25 -32.34 16.01
CA THR A 502 25.64 -32.26 16.44
C THR A 502 26.53 -32.78 15.30
N SER B 1 -27.16 4.73 -28.81
CA SER B 1 -27.96 5.31 -29.92
C SER B 1 -28.23 6.81 -29.79
N ALA B 2 -28.50 7.25 -28.56
CA ALA B 2 -28.78 8.66 -28.22
C ALA B 2 -30.06 9.26 -28.86
N ALA B 3 -31.20 8.97 -28.26
CA ALA B 3 -32.52 9.42 -28.70
C ALA B 3 -33.42 9.48 -27.45
N PRO B 4 -33.97 10.66 -27.09
CA PRO B 4 -34.84 10.79 -25.91
C PRO B 4 -36.31 10.24 -26.08
N LYS B 5 -37.16 10.48 -25.06
CA LYS B 5 -38.58 10.08 -25.05
C LYS B 5 -39.46 10.97 -25.98
N ALA B 6 -40.75 10.67 -26.12
CA ALA B 6 -41.64 11.49 -26.94
C ALA B 6 -42.05 12.78 -26.18
N GLY B 7 -41.24 13.12 -25.15
CA GLY B 7 -41.41 14.30 -24.32
C GLY B 7 -40.12 15.09 -24.17
N THR B 8 -40.20 16.43 -24.25
CA THR B 8 -39.00 17.31 -24.19
C THR B 8 -37.74 16.85 -23.39
N ALA B 9 -36.63 16.69 -24.11
CA ALA B 9 -35.36 16.30 -23.59
C ALA B 9 -34.59 17.58 -23.40
N THR B 10 -35.34 18.67 -23.22
CA THR B 10 -34.78 19.97 -22.96
C THR B 10 -35.26 20.47 -21.62
N GLY B 11 -34.25 20.95 -20.90
CA GLY B 11 -34.44 21.52 -19.58
C GLY B 11 -33.93 22.94 -19.65
N GLN B 12 -34.24 23.69 -18.63
CA GLN B 12 -33.82 25.06 -18.59
C GLN B 12 -33.02 25.20 -17.32
N ILE B 13 -31.85 25.78 -17.48
CA ILE B 13 -30.92 26.02 -16.41
C ILE B 13 -31.62 26.81 -15.32
N VAL B 14 -31.63 26.27 -14.11
CA VAL B 14 -32.24 26.99 -12.95
C VAL B 14 -31.23 27.53 -11.91
N ALA B 15 -29.97 27.04 -11.98
CA ALA B 15 -28.93 27.48 -11.06
C ALA B 15 -27.50 27.27 -11.58
N VAL B 16 -26.73 28.35 -11.39
CA VAL B 16 -25.31 28.34 -11.78
C VAL B 16 -24.50 28.89 -10.64
N ILE B 17 -23.46 28.16 -10.29
CA ILE B 17 -22.57 28.51 -9.19
C ILE B 17 -21.30 27.90 -9.68
N GLY B 18 -20.39 28.71 -10.21
CA GLY B 18 -19.16 28.19 -10.75
C GLY B 18 -19.30 26.93 -11.63
N ALA B 19 -18.69 25.81 -11.22
CA ALA B 19 -18.70 24.55 -11.96
C ALA B 19 -19.94 23.68 -11.80
N VAL B 20 -20.94 24.19 -11.11
CA VAL B 20 -22.13 23.39 -10.94
C VAL B 20 -23.33 24.08 -11.50
N VAL B 21 -23.97 23.42 -12.45
CA VAL B 21 -25.13 23.99 -13.08
C VAL B 21 -26.20 23.00 -12.78
N ASP B 22 -27.27 23.52 -12.21
CA ASP B 22 -28.47 22.73 -11.89
C ASP B 22 -29.37 22.96 -13.08
N VAL B 23 -30.04 21.93 -13.57
CA VAL B 23 -30.92 22.11 -14.74
C VAL B 23 -32.28 21.49 -14.44
N GLN B 24 -33.31 22.01 -15.06
CA GLN B 24 -34.65 21.50 -14.79
C GLN B 24 -35.46 21.12 -16.03
N PHE B 25 -35.65 19.81 -16.21
CA PHE B 25 -36.41 19.29 -17.34
C PHE B 25 -37.83 18.93 -16.92
N ASP B 26 -38.79 19.11 -17.83
CA ASP B 26 -40.15 18.80 -17.49
C ASP B 26 -40.66 17.50 -18.06
N GLU B 27 -40.32 17.23 -19.31
CA GLU B 27 -40.83 16.03 -19.97
C GLU B 27 -39.83 14.91 -20.28
N GLY B 28 -38.69 14.89 -19.60
CA GLY B 28 -37.77 13.83 -19.88
C GLY B 28 -36.49 13.86 -19.14
N LEU B 29 -36.55 13.52 -17.85
CA LEU B 29 -35.36 13.56 -17.05
C LEU B 29 -34.16 12.70 -17.54
N PRO B 30 -33.00 13.35 -17.78
CA PRO B 30 -31.75 12.72 -18.23
C PRO B 30 -30.97 12.02 -17.15
N PRO B 31 -30.70 10.76 -17.31
CA PRO B 31 -29.95 10.00 -16.30
C PRO B 31 -28.67 10.65 -15.80
N ILE B 32 -28.13 10.14 -14.71
CA ILE B 32 -26.90 10.58 -14.13
C ILE B 32 -25.93 10.17 -15.22
N LEU B 33 -24.81 10.89 -15.30
CA LEU B 33 -23.72 10.59 -16.29
C LEU B 33 -23.94 10.94 -17.77
N ASN B 34 -25.14 11.45 -18.06
CA ASN B 34 -25.50 11.84 -19.41
C ASN B 34 -24.84 13.18 -19.76
N ALA B 35 -24.34 13.28 -20.98
CA ALA B 35 -23.73 14.51 -21.52
C ALA B 35 -24.82 15.42 -21.98
N LEU B 36 -24.83 16.69 -21.53
CA LEU B 36 -25.91 17.66 -21.87
C LEU B 36 -25.31 18.77 -22.69
N GLU B 37 -26.11 19.23 -23.64
CA GLU B 37 -25.70 20.29 -24.58
C GLU B 37 -26.33 21.61 -24.25
N VAL B 38 -25.52 22.59 -23.92
CA VAL B 38 -26.08 23.92 -23.61
C VAL B 38 -26.30 24.74 -24.87
N GLN B 39 -27.56 25.13 -25.08
CA GLN B 39 -27.93 25.92 -26.25
C GLN B 39 -27.50 27.34 -26.05
N GLY B 40 -27.93 28.23 -26.93
CA GLY B 40 -27.52 29.61 -26.77
C GLY B 40 -26.02 29.84 -26.65
N ARG B 41 -25.25 28.86 -27.04
CA ARG B 41 -23.81 28.99 -26.90
C ARG B 41 -23.06 29.49 -28.15
N GLU B 42 -21.82 29.86 -27.92
CA GLU B 42 -20.90 30.35 -28.97
C GLU B 42 -19.79 29.32 -29.07
N SER B 43 -20.05 28.14 -28.51
CA SER B 43 -19.09 27.11 -28.54
C SER B 43 -19.84 25.82 -28.19
N ARG B 44 -19.13 24.90 -27.57
CA ARG B 44 -19.70 23.65 -27.20
C ARG B 44 -19.59 23.56 -25.69
N LEU B 45 -20.73 23.62 -25.00
CA LEU B 45 -20.69 23.48 -23.52
C LEU B 45 -21.52 22.27 -23.11
N VAL B 46 -20.83 21.29 -22.57
CA VAL B 46 -21.50 20.10 -22.13
C VAL B 46 -21.46 20.02 -20.63
N LEU B 47 -22.60 19.69 -20.07
CA LEU B 47 -22.71 19.59 -18.63
C LEU B 47 -23.03 18.16 -18.31
N GLU B 48 -22.15 17.48 -17.58
CA GLU B 48 -22.40 16.12 -17.25
C GLU B 48 -23.35 16.04 -16.09
N VAL B 49 -24.47 15.32 -16.25
CA VAL B 49 -25.48 15.17 -15.19
C VAL B 49 -24.85 14.41 -14.06
N ALA B 50 -25.19 14.76 -12.81
CA ALA B 50 -24.58 14.11 -11.71
C ALA B 50 -25.59 13.62 -10.68
N GLN B 51 -26.67 14.33 -10.48
CA GLN B 51 -27.67 13.89 -9.48
C GLN B 51 -29.08 14.18 -9.91
N HIS B 52 -30.06 13.50 -9.29
CA HIS B 52 -31.46 13.73 -9.62
C HIS B 52 -32.24 14.37 -8.47
N LEU B 53 -31.79 15.54 -8.06
CA LEU B 53 -32.37 16.39 -7.04
C LEU B 53 -33.84 16.38 -6.72
N GLY B 54 -34.67 15.92 -7.63
CA GLY B 54 -36.06 15.89 -7.33
C GLY B 54 -36.63 17.17 -7.90
N GLU B 55 -37.92 17.39 -7.71
CA GLU B 55 -38.56 18.57 -8.21
C GLU B 55 -38.20 18.63 -9.68
N SER B 56 -38.05 17.42 -10.25
CA SER B 56 -37.69 17.25 -11.66
C SER B 56 -36.50 18.14 -12.11
N THR B 57 -35.47 18.14 -11.27
CA THR B 57 -34.27 18.91 -11.52
C THR B 57 -33.03 18.05 -11.32
N VAL B 58 -32.13 18.11 -12.29
CA VAL B 58 -30.88 17.37 -12.30
C VAL B 58 -29.79 18.26 -11.72
N ARG B 59 -28.54 17.84 -11.76
CA ARG B 59 -27.45 18.59 -11.18
C ARG B 59 -26.24 18.25 -12.03
N THR B 60 -25.71 19.22 -12.80
CA THR B 60 -24.60 18.91 -13.63
C THR B 60 -23.28 19.47 -13.22
N ILE B 61 -22.23 18.92 -13.83
CA ILE B 61 -20.85 19.31 -13.63
C ILE B 61 -20.37 19.84 -14.97
N ALA B 62 -20.00 21.12 -15.01
CA ALA B 62 -19.56 21.79 -16.26
C ALA B 62 -18.25 21.27 -16.86
N MET B 63 -18.24 21.02 -18.17
CA MET B 63 -17.08 20.47 -18.85
C MET B 63 -16.10 21.52 -19.37
N ASP B 64 -16.52 22.77 -19.26
CA ASP B 64 -15.74 23.92 -19.67
C ASP B 64 -16.34 25.12 -18.93
N GLY B 65 -15.86 26.33 -19.18
CA GLY B 65 -16.37 27.51 -18.49
C GLY B 65 -17.89 27.68 -18.44
N THR B 66 -18.34 28.30 -17.35
CA THR B 66 -19.76 28.54 -17.16
C THR B 66 -20.04 30.00 -17.35
N GLU B 67 -19.02 30.70 -17.84
CA GLU B 67 -19.13 32.13 -18.14
C GLU B 67 -20.41 32.52 -18.84
N GLY B 68 -20.89 33.72 -18.57
CA GLY B 68 -22.09 34.19 -19.23
C GLY B 68 -23.35 33.33 -19.29
N LEU B 69 -23.31 32.16 -18.66
CA LEU B 69 -24.48 31.30 -18.69
C LEU B 69 -25.64 32.05 -18.07
N VAL B 70 -26.86 31.81 -18.54
CA VAL B 70 -28.00 32.51 -17.98
C VAL B 70 -29.17 31.67 -17.44
N ARG B 71 -29.70 32.02 -16.29
CA ARG B 71 -30.79 31.30 -15.64
C ARG B 71 -32.03 31.19 -16.54
N GLY B 72 -32.05 30.19 -17.42
CA GLY B 72 -33.20 29.99 -18.32
C GLY B 72 -32.71 29.39 -19.60
N GLN B 73 -31.39 29.47 -19.87
CA GLN B 73 -30.77 28.90 -21.10
C GLN B 73 -31.20 27.46 -21.28
N LYS B 74 -31.51 27.13 -22.53
CA LYS B 74 -31.89 25.77 -22.83
C LYS B 74 -30.72 24.82 -22.84
N VAL B 75 -30.94 23.65 -22.23
CA VAL B 75 -29.91 22.64 -22.17
C VAL B 75 -30.52 21.38 -22.79
N LEU B 76 -29.80 20.84 -23.76
CA LEU B 76 -30.24 19.69 -24.51
C LEU B 76 -29.79 18.33 -23.92
N ASP B 77 -30.64 17.33 -24.05
CA ASP B 77 -30.30 16.01 -23.59
C ASP B 77 -29.89 15.11 -24.75
N SER B 78 -28.59 14.80 -24.74
CA SER B 78 -27.98 13.96 -25.82
C SER B 78 -28.59 12.57 -25.72
N GLY B 79 -28.70 12.10 -24.48
CA GLY B 79 -29.26 10.79 -24.24
C GLY B 79 -28.20 9.71 -24.07
N ALA B 80 -26.97 10.11 -23.77
CA ALA B 80 -25.89 9.17 -23.59
C ALA B 80 -24.74 9.97 -23.01
N PRO B 81 -23.85 9.29 -22.24
CA PRO B 81 -22.70 10.00 -21.65
C PRO B 81 -21.82 10.74 -22.66
N ILE B 82 -20.81 11.44 -22.18
CA ILE B 82 -19.87 12.12 -23.03
C ILE B 82 -19.24 10.96 -23.85
N LYS B 83 -19.46 10.92 -25.19
CA LYS B 83 -18.80 9.90 -25.97
C LYS B 83 -17.82 10.52 -26.97
N ILE B 84 -16.58 10.00 -26.93
CA ILE B 84 -15.53 10.46 -27.79
C ILE B 84 -15.30 9.48 -28.96
N PRO B 85 -14.85 9.99 -30.11
CA PRO B 85 -14.63 9.08 -31.23
C PRO B 85 -13.46 8.21 -30.92
N VAL B 86 -13.64 6.92 -31.02
CA VAL B 86 -12.56 5.99 -30.76
C VAL B 86 -12.19 5.35 -32.10
N GLY B 87 -10.91 5.01 -32.27
CA GLY B 87 -10.49 4.38 -33.49
C GLY B 87 -9.04 4.64 -33.85
N PRO B 88 -8.60 4.04 -34.97
CA PRO B 88 -7.21 4.27 -35.36
C PRO B 88 -7.21 5.71 -35.90
N GLU B 89 -8.39 6.16 -36.31
CA GLU B 89 -8.55 7.51 -36.92
C GLU B 89 -8.45 8.60 -35.86
N THR B 90 -7.74 8.35 -34.76
CA THR B 90 -7.56 9.35 -33.68
C THR B 90 -6.09 9.35 -33.34
N LEU B 91 -5.39 8.44 -33.96
CA LEU B 91 -4.00 8.39 -33.74
C LEU B 91 -3.37 9.58 -34.40
N GLY B 92 -2.26 10.05 -33.83
CA GLY B 92 -1.54 11.20 -34.35
C GLY B 92 -2.25 12.56 -34.15
N ARG B 93 -3.47 12.52 -33.62
CA ARG B 93 -4.25 13.74 -33.40
C ARG B 93 -4.27 14.04 -31.90
N ILE B 94 -4.78 15.22 -31.53
CA ILE B 94 -4.88 15.60 -30.12
C ILE B 94 -6.35 15.88 -29.86
N MET B 95 -6.95 15.18 -28.92
CA MET B 95 -8.35 15.38 -28.50
C MET B 95 -8.44 16.06 -27.16
N ASN B 96 -9.62 16.55 -26.81
CA ASN B 96 -9.80 17.18 -25.49
C ASN B 96 -10.86 16.34 -24.81
N VAL B 97 -11.17 16.74 -23.59
CA VAL B 97 -12.16 16.08 -22.76
C VAL B 97 -13.56 15.77 -23.31
N ILE B 98 -13.75 15.96 -24.59
CA ILE B 98 -15.06 15.71 -25.16
C ILE B 98 -14.79 15.02 -26.54
N GLY B 99 -13.54 15.06 -27.02
CA GLY B 99 -13.29 14.49 -28.31
C GLY B 99 -13.20 15.56 -29.39
N GLU B 100 -13.24 16.81 -28.96
CA GLU B 100 -13.16 17.90 -29.87
C GLU B 100 -11.74 17.91 -30.34
N PRO B 101 -11.50 18.25 -31.61
CA PRO B 101 -10.10 18.28 -32.03
C PRO B 101 -9.41 19.56 -31.58
N ILE B 102 -8.27 19.44 -30.91
CA ILE B 102 -7.57 20.62 -30.45
C ILE B 102 -6.23 20.77 -31.06
N ASP B 103 -5.85 19.87 -31.96
CA ASP B 103 -4.52 20.04 -32.60
C ASP B 103 -4.75 20.78 -33.86
N GLU B 104 -5.97 21.28 -34.00
CA GLU B 104 -6.38 22.09 -35.10
C GLU B 104 -6.45 21.51 -36.52
N ARG B 105 -5.96 20.29 -36.74
CA ARG B 105 -6.00 19.64 -38.05
C ARG B 105 -7.37 19.20 -38.59
N GLY B 106 -8.44 19.86 -38.19
CA GLY B 106 -9.80 19.57 -38.66
C GLY B 106 -10.49 18.37 -38.09
N PRO B 107 -11.72 18.05 -38.54
CA PRO B 107 -12.55 16.93 -38.11
C PRO B 107 -11.88 15.60 -37.96
N ILE B 108 -12.32 14.85 -36.95
CA ILE B 108 -11.76 13.52 -36.71
C ILE B 108 -12.76 12.52 -37.25
N LYS B 109 -12.58 12.17 -38.52
CA LYS B 109 -13.43 11.27 -39.19
C LYS B 109 -13.31 9.86 -38.57
N THR B 110 -14.36 9.39 -37.91
CA THR B 110 -14.32 8.04 -37.33
C THR B 110 -15.60 7.30 -37.49
N LYS B 111 -15.46 5.98 -37.51
CA LYS B 111 -16.55 5.03 -37.70
C LYS B 111 -17.56 5.07 -36.55
N GLN B 112 -17.06 5.28 -35.34
CA GLN B 112 -17.92 5.35 -34.16
C GLN B 112 -17.21 6.10 -33.02
N PHE B 113 -17.91 6.24 -31.92
CA PHE B 113 -17.34 6.90 -30.76
C PHE B 113 -17.77 5.98 -29.62
N ALA B 114 -16.98 5.93 -28.56
CA ALA B 114 -17.35 5.09 -27.42
C ALA B 114 -17.66 5.98 -26.20
N PRO B 115 -18.60 5.58 -25.32
CA PRO B 115 -18.93 6.38 -24.11
C PRO B 115 -17.70 6.40 -23.17
N ILE B 116 -17.43 7.52 -22.48
CA ILE B 116 -16.23 7.55 -21.63
C ILE B 116 -16.45 6.81 -20.31
N HIS B 117 -17.70 6.38 -20.10
CA HIS B 117 -18.08 5.63 -18.90
C HIS B 117 -18.47 4.22 -19.31
N ALA B 118 -17.59 3.25 -19.08
CA ALA B 118 -17.89 1.90 -19.51
C ALA B 118 -17.66 0.95 -18.33
N GLU B 119 -18.40 -0.17 -18.31
CA GLU B 119 -18.25 -1.16 -17.27
C GLU B 119 -16.86 -1.74 -17.33
N ALA B 120 -16.18 -1.73 -16.19
CA ALA B 120 -14.82 -2.24 -16.04
C ALA B 120 -14.87 -3.72 -16.33
N PRO B 121 -13.74 -4.29 -16.78
CA PRO B 121 -13.62 -5.72 -17.13
C PRO B 121 -13.92 -6.60 -15.86
N GLU B 122 -14.71 -7.67 -16.08
CA GLU B 122 -15.15 -8.55 -15.00
C GLU B 122 -14.04 -9.47 -14.55
N PHE B 123 -14.32 -10.22 -13.48
CA PHE B 123 -13.38 -11.16 -12.90
C PHE B 123 -12.94 -12.20 -13.91
N ILE B 124 -13.93 -12.79 -14.57
CA ILE B 124 -13.66 -13.80 -15.59
C ILE B 124 -13.19 -13.22 -16.92
N GLU B 125 -12.48 -12.11 -16.81
CA GLU B 125 -11.94 -11.43 -17.95
C GLU B 125 -10.47 -11.22 -17.64
N MET B 126 -10.16 -11.07 -16.34
CA MET B 126 -8.80 -10.84 -15.91
C MET B 126 -7.85 -11.94 -16.46
N SER B 127 -6.56 -11.72 -16.28
CA SER B 127 -5.45 -12.59 -16.73
C SER B 127 -4.27 -12.59 -15.76
N VAL B 128 -3.92 -13.80 -15.30
CA VAL B 128 -2.83 -13.97 -14.29
C VAL B 128 -1.43 -13.86 -14.92
N GLU B 129 -1.38 -14.08 -16.23
CA GLU B 129 -0.12 -14.03 -16.97
C GLU B 129 0.61 -12.67 -16.78
N GLN B 130 1.75 -12.77 -16.13
CA GLN B 130 2.58 -11.62 -15.84
C GLN B 130 3.92 -11.82 -16.54
N GLU B 131 3.96 -11.52 -17.85
CA GLU B 131 5.17 -11.62 -18.61
C GLU B 131 5.95 -10.33 -18.45
N ILE B 132 7.22 -10.45 -18.12
CA ILE B 132 8.12 -9.34 -17.85
C ILE B 132 8.33 -8.40 -19.04
N LEU B 133 8.81 -7.19 -18.74
CA LEU B 133 9.10 -6.12 -19.69
C LEU B 133 10.20 -5.21 -19.09
N VAL B 134 11.35 -5.17 -19.78
CA VAL B 134 12.55 -4.41 -19.38
C VAL B 134 12.65 -2.96 -19.85
N THR B 135 13.14 -2.15 -18.93
CA THR B 135 13.26 -0.71 -19.14
C THR B 135 14.73 -0.28 -19.10
N GLY B 136 15.60 -1.09 -18.51
CA GLY B 136 16.96 -0.71 -18.42
C GLY B 136 17.13 0.58 -17.64
N ILE B 137 16.75 0.54 -16.39
CA ILE B 137 16.85 1.66 -15.49
C ILE B 137 17.33 1.02 -14.18
N LYS B 138 18.00 1.80 -13.34
CA LYS B 138 18.48 1.20 -12.12
C LYS B 138 17.35 0.76 -11.19
N VAL B 139 17.07 1.55 -10.14
CA VAL B 139 16.03 1.15 -9.18
C VAL B 139 14.74 0.67 -9.89
N VAL B 140 14.21 1.56 -10.74
CA VAL B 140 13.01 1.35 -11.49
C VAL B 140 12.83 0.01 -12.25
N ASP B 141 13.88 -0.48 -12.90
CA ASP B 141 13.78 -1.74 -13.64
C ASP B 141 14.16 -3.01 -12.86
N LEU B 142 15.22 -2.80 -12.09
CA LEU B 142 15.83 -3.84 -11.22
C LEU B 142 15.10 -3.99 -9.91
N LEU B 143 15.32 -3.07 -8.98
CA LEU B 143 14.68 -3.08 -7.64
C LEU B 143 13.16 -3.40 -7.70
N ALA B 144 12.33 -2.40 -8.08
CA ALA B 144 10.88 -2.58 -8.19
C ALA B 144 10.56 -2.84 -9.66
N PRO B 145 10.65 -4.11 -10.10
CA PRO B 145 10.37 -4.49 -11.50
C PRO B 145 9.02 -4.07 -12.02
N TYR B 146 8.91 -4.05 -13.35
CA TYR B 146 7.68 -3.65 -14.04
C TYR B 146 7.14 -4.83 -14.82
N ALA B 147 6.09 -4.64 -15.62
CA ALA B 147 5.53 -5.75 -16.37
C ALA B 147 4.43 -5.40 -17.35
N LYS B 148 4.12 -6.37 -18.20
CA LYS B 148 3.08 -6.22 -19.21
C LYS B 148 1.69 -6.01 -18.59
N GLY B 149 1.01 -4.90 -18.89
CA GLY B 149 -0.31 -4.66 -18.32
C GLY B 149 -0.25 -4.16 -16.89
N GLY B 150 0.94 -4.27 -16.34
CA GLY B 150 1.20 -3.83 -15.01
C GLY B 150 1.13 -2.34 -14.92
N LYS B 151 0.67 -1.85 -13.76
CA LYS B 151 0.59 -0.42 -13.60
C LYS B 151 1.82 0.11 -12.93
N ILE B 152 2.28 1.22 -13.43
CA ILE B 152 3.45 1.90 -12.88
C ILE B 152 2.87 3.06 -12.10
N GLY B 153 3.54 3.47 -11.05
CA GLY B 153 3.06 4.56 -10.26
C GLY B 153 4.20 5.39 -9.81
N LEU B 154 4.23 6.66 -10.14
CA LEU B 154 5.33 7.48 -9.67
C LEU B 154 4.78 8.49 -8.70
N PHE B 155 5.24 8.34 -7.47
CA PHE B 155 4.82 9.21 -6.41
C PHE B 155 5.86 10.29 -6.21
N GLY B 156 5.47 11.52 -6.63
CA GLY B 156 6.33 12.67 -6.50
C GLY B 156 5.73 13.72 -5.62
N GLY B 157 6.58 14.34 -4.83
CA GLY B 157 6.10 15.38 -3.93
C GLY B 157 6.16 16.76 -4.54
N ALA B 158 5.64 16.91 -5.76
CA ALA B 158 5.67 18.20 -6.44
C ALA B 158 7.00 18.69 -6.91
N GLY B 159 7.45 18.18 -8.03
CA GLY B 159 8.71 18.63 -8.55
C GLY B 159 9.80 17.85 -7.91
N VAL B 160 9.76 16.54 -8.17
CA VAL B 160 10.79 15.66 -7.64
C VAL B 160 11.19 14.65 -8.66
N GLY B 161 10.59 14.71 -9.86
CA GLY B 161 10.99 13.73 -10.86
C GLY B 161 9.93 12.75 -11.25
N LYS B 162 8.70 13.22 -11.28
CA LYS B 162 7.61 12.30 -11.68
C LYS B 162 7.40 12.35 -13.19
N THR B 163 7.20 13.54 -13.75
CA THR B 163 6.97 13.66 -15.22
C THR B 163 8.24 13.49 -16.07
N VAL B 164 9.40 13.90 -15.55
CA VAL B 164 10.63 13.75 -16.31
C VAL B 164 10.75 12.28 -16.64
N LEU B 165 10.61 11.46 -15.61
CA LEU B 165 10.69 10.02 -15.76
C LEU B 165 9.80 9.46 -16.85
N ILE B 166 8.58 9.95 -16.92
CA ILE B 166 7.64 9.44 -17.91
C ILE B 166 8.05 9.66 -19.37
N MET B 167 8.63 10.82 -19.66
CA MET B 167 9.08 11.14 -21.00
C MET B 167 10.15 10.17 -21.36
N GLU B 168 10.83 9.77 -20.31
CA GLU B 168 11.96 8.88 -20.40
C GLU B 168 11.51 7.48 -20.72
N LEU B 169 10.50 7.03 -20.01
CA LEU B 169 9.96 5.71 -20.25
C LEU B 169 9.42 5.71 -21.68
N ILE B 170 9.13 6.90 -22.19
CA ILE B 170 8.63 7.02 -23.56
C ILE B 170 9.85 6.73 -24.45
N ASN B 171 10.96 7.36 -24.09
CA ASN B 171 12.21 7.20 -24.80
C ASN B 171 12.54 5.72 -25.01
N ASN B 172 12.95 5.04 -23.94
CA ASN B 172 13.30 3.62 -24.10
C ASN B 172 12.16 2.75 -24.56
N VAL B 173 10.99 2.93 -23.98
CA VAL B 173 9.84 2.06 -24.26
C VAL B 173 8.84 2.42 -25.39
N ALA B 174 8.25 3.61 -25.31
CA ALA B 174 7.26 4.08 -26.30
C ALA B 174 7.71 3.90 -27.74
N LYS B 175 8.79 4.58 -28.13
CA LYS B 175 9.31 4.52 -29.49
C LYS B 175 9.42 3.04 -29.98
N ALA B 176 10.35 2.29 -29.36
CA ALA B 176 10.61 0.90 -29.70
C ALA B 176 9.36 -0.01 -29.54
N HIS B 177 8.28 0.53 -28.99
CA HIS B 177 7.08 -0.28 -28.76
C HIS B 177 6.33 -0.71 -30.05
N GLY B 178 5.89 -1.97 -30.12
CA GLY B 178 5.14 -2.44 -31.27
C GLY B 178 3.70 -2.39 -30.77
N GLY B 179 2.74 -1.83 -31.50
CA GLY B 179 1.40 -1.76 -30.96
C GLY B 179 1.19 -0.28 -30.72
N TYR B 180 -0.04 0.15 -30.41
CA TYR B 180 -0.28 1.59 -30.23
C TYR B 180 -0.08 2.15 -28.86
N SER B 181 0.11 3.47 -28.76
CA SER B 181 0.31 4.12 -27.48
C SER B 181 -0.59 5.34 -27.25
N VAL B 182 -0.81 5.68 -25.98
CA VAL B 182 -1.67 6.82 -25.65
C VAL B 182 -1.06 7.71 -24.59
N PHE B 183 -1.48 8.97 -24.55
CA PHE B 183 -0.98 9.86 -23.53
C PHE B 183 -2.06 10.83 -23.15
N ALA B 184 -2.63 10.59 -21.96
CA ALA B 184 -3.63 11.42 -21.40
C ALA B 184 -2.92 12.39 -20.47
N GLY B 185 -2.97 13.68 -20.74
CA GLY B 185 -2.31 14.58 -19.83
C GLY B 185 -3.38 15.17 -18.98
N VAL B 186 -3.44 14.75 -17.69
CA VAL B 186 -4.52 15.26 -16.80
C VAL B 186 -3.99 16.23 -15.76
N GLY B 187 -4.57 17.46 -15.74
CA GLY B 187 -4.10 18.48 -14.81
C GLY B 187 -2.87 19.22 -15.32
N GLU B 188 -1.67 18.74 -15.04
CA GLU B 188 -0.38 19.35 -15.43
C GLU B 188 -0.27 20.38 -16.61
N ARG B 189 0.89 21.08 -16.65
CA ARG B 189 1.22 22.12 -17.62
C ARG B 189 0.83 21.88 -19.08
N THR B 190 0.55 22.98 -19.77
CA THR B 190 0.20 22.99 -21.20
C THR B 190 1.54 23.12 -21.93
N ARG B 191 2.51 23.70 -21.24
CA ARG B 191 3.83 23.89 -21.80
C ARG B 191 4.33 22.51 -22.27
N GLU B 192 4.39 21.59 -21.31
CA GLU B 192 4.80 20.23 -21.60
C GLU B 192 4.02 19.52 -22.71
N GLY B 193 2.70 19.68 -22.70
CA GLY B 193 1.85 19.04 -23.70
C GLY B 193 2.29 19.47 -25.11
N ASN B 194 2.65 20.75 -25.21
CA ASN B 194 3.11 21.36 -26.45
C ASN B 194 4.42 20.71 -26.86
N ASP B 195 5.42 20.83 -26.00
CA ASP B 195 6.69 20.29 -26.32
C ASP B 195 6.54 18.83 -26.67
N LEU B 196 5.88 18.11 -25.79
CA LEU B 196 5.64 16.69 -26.00
C LEU B 196 5.06 16.47 -27.37
N TYR B 197 4.25 17.42 -27.82
CA TYR B 197 3.66 17.30 -29.14
C TYR B 197 4.81 17.35 -30.12
N HIS B 198 5.47 18.49 -30.21
CA HIS B 198 6.52 18.71 -31.17
C HIS B 198 7.71 17.79 -31.08
N GLU B 199 7.86 17.15 -29.96
CA GLU B 199 9.00 16.27 -29.80
C GLU B 199 8.59 15.00 -30.48
N MET B 200 7.31 14.69 -30.36
CA MET B 200 6.72 13.53 -31.00
C MET B 200 6.63 13.72 -32.52
N ILE B 201 6.95 14.95 -32.99
CA ILE B 201 6.97 15.21 -34.43
C ILE B 201 8.42 15.09 -34.87
N GLU B 202 9.26 15.75 -34.11
CA GLU B 202 10.73 15.74 -34.39
C GLU B 202 11.25 14.30 -34.56
N SER B 203 10.69 13.39 -33.75
CA SER B 203 11.04 11.95 -33.73
C SER B 203 10.06 11.03 -34.42
N GLY B 204 9.37 11.59 -35.39
CA GLY B 204 8.36 10.83 -36.15
C GLY B 204 7.14 10.20 -35.48
N VAL B 205 7.26 9.72 -34.23
CA VAL B 205 6.17 9.10 -33.46
C VAL B 205 4.78 9.59 -33.93
N ILE B 206 4.73 10.91 -34.14
CA ILE B 206 3.55 11.59 -34.64
C ILE B 206 4.16 12.18 -35.89
N ASN B 207 3.57 11.78 -36.99
CA ASN B 207 3.96 12.22 -38.29
C ASN B 207 2.69 12.85 -38.83
N LEU B 208 2.80 14.06 -39.39
CA LEU B 208 1.62 14.77 -39.85
C LEU B 208 1.32 14.48 -41.28
N LYS B 209 2.16 13.67 -41.89
CA LYS B 209 2.02 13.37 -43.31
C LYS B 209 1.38 12.03 -43.67
N ASP B 210 2.19 10.96 -43.66
CA ASP B 210 1.77 9.61 -44.05
C ASP B 210 0.52 9.21 -43.30
N ALA B 211 0.73 8.36 -42.32
CA ALA B 211 -0.26 7.75 -41.46
C ALA B 211 0.58 6.67 -40.70
N THR B 212 1.72 7.12 -40.15
CA THR B 212 2.63 6.25 -39.46
C THR B 212 2.66 6.68 -38.01
N SER B 213 1.51 7.11 -37.48
CA SER B 213 1.43 7.55 -36.10
C SER B 213 0.94 6.42 -35.17
N LYS B 214 1.59 6.30 -34.00
CA LYS B 214 1.29 5.22 -33.02
C LYS B 214 0.67 5.69 -31.70
N VAL B 215 1.00 6.92 -31.32
CA VAL B 215 0.46 7.52 -30.08
C VAL B 215 -0.81 8.27 -30.37
N ALA B 216 -1.62 8.44 -29.35
CA ALA B 216 -2.86 9.22 -29.42
C ALA B 216 -2.78 10.15 -28.22
N LEU B 217 -3.02 11.47 -28.46
CA LEU B 217 -2.94 12.44 -27.39
C LEU B 217 -4.21 13.04 -26.92
N VAL B 218 -4.60 12.73 -25.70
CA VAL B 218 -5.83 13.26 -25.11
C VAL B 218 -5.36 14.18 -24.02
N TYR B 219 -5.91 15.38 -24.03
CA TYR B 219 -5.57 16.42 -23.06
C TYR B 219 -6.74 17.16 -22.44
N GLY B 220 -6.47 17.63 -21.23
CA GLY B 220 -7.46 18.39 -20.50
C GLY B 220 -6.62 18.85 -19.32
N GLN B 221 -6.19 20.09 -19.33
CA GLN B 221 -5.38 20.52 -18.24
C GLN B 221 -5.78 21.74 -17.45
N MET B 222 -4.80 22.17 -16.65
CA MET B 222 -4.83 23.28 -15.72
C MET B 222 -5.65 24.51 -16.00
N ASN B 223 -5.57 25.02 -17.21
CA ASN B 223 -6.37 26.22 -17.51
C ASN B 223 -7.85 25.85 -17.64
N GLU B 224 -8.23 24.63 -17.23
CA GLU B 224 -9.64 24.24 -17.37
C GLU B 224 -10.31 23.91 -16.04
N PRO B 225 -11.66 23.81 -16.06
CA PRO B 225 -12.46 23.52 -14.85
C PRO B 225 -12.26 22.12 -14.37
N PRO B 226 -12.70 21.80 -13.16
CA PRO B 226 -12.49 20.44 -12.65
C PRO B 226 -13.34 19.38 -13.36
N GLY B 227 -14.51 19.77 -13.87
CA GLY B 227 -15.32 18.77 -14.57
C GLY B 227 -14.49 18.23 -15.72
N ALA B 228 -13.60 19.07 -16.24
CA ALA B 228 -12.76 18.65 -17.34
C ALA B 228 -11.59 17.82 -16.85
N ARG B 229 -10.85 18.26 -15.82
CA ARG B 229 -9.71 17.44 -15.37
C ARG B 229 -10.22 16.14 -14.75
N ALA B 230 -11.51 16.09 -14.49
CA ALA B 230 -12.12 14.96 -13.86
C ALA B 230 -12.20 13.83 -14.86
N ARG B 231 -12.45 14.17 -16.13
CA ARG B 231 -12.66 13.17 -17.15
C ARG B 231 -11.65 13.00 -18.28
N VAL B 232 -10.71 13.94 -18.39
CA VAL B 232 -9.70 13.83 -19.44
C VAL B 232 -8.99 12.45 -19.26
N ALA B 233 -8.70 12.09 -18.00
CA ALA B 233 -8.08 10.80 -17.67
C ALA B 233 -8.97 9.67 -18.15
N LEU B 234 -10.28 9.86 -18.08
CA LEU B 234 -11.21 8.85 -18.52
C LEU B 234 -11.14 8.69 -20.02
N THR B 235 -11.24 9.83 -20.68
CA THR B 235 -11.19 9.83 -22.16
C THR B 235 -9.91 9.16 -22.69
N GLY B 236 -8.75 9.61 -22.19
CA GLY B 236 -7.50 9.03 -22.64
C GLY B 236 -7.35 7.56 -22.26
N LEU B 237 -8.40 7.07 -21.63
CA LEU B 237 -8.44 5.72 -21.17
C LEU B 237 -9.45 5.04 -22.04
N THR B 238 -10.49 5.76 -22.37
CA THR B 238 -11.54 5.21 -23.23
C THR B 238 -10.88 4.94 -24.59
N VAL B 239 -9.78 5.62 -24.82
CA VAL B 239 -9.08 5.49 -26.06
C VAL B 239 -8.37 4.16 -26.01
N ALA B 240 -7.37 4.10 -25.11
CA ALA B 240 -6.56 2.89 -24.94
C ALA B 240 -7.40 1.63 -24.85
N GLU B 241 -8.63 1.79 -24.35
CA GLU B 241 -9.57 0.67 -24.22
C GLU B 241 -9.88 0.18 -25.58
N TYR B 242 -10.53 1.02 -26.38
CA TYR B 242 -10.92 0.63 -27.73
C TYR B 242 -9.80 -0.08 -28.47
N PHE B 243 -8.56 0.37 -28.29
CA PHE B 243 -7.51 -0.29 -29.02
C PHE B 243 -7.30 -1.70 -28.50
N ARG B 244 -7.17 -1.88 -27.19
CA ARG B 244 -7.00 -3.23 -26.64
C ARG B 244 -8.11 -4.17 -27.00
N ASP B 245 -9.36 -3.81 -26.70
CA ASP B 245 -10.48 -4.67 -27.02
C ASP B 245 -10.80 -4.85 -28.50
N GLN B 246 -11.73 -4.07 -29.01
CA GLN B 246 -12.15 -4.16 -30.43
C GLN B 246 -11.04 -4.23 -31.52
N GLU B 247 -9.78 -4.12 -31.11
CA GLU B 247 -8.67 -4.15 -32.04
C GLU B 247 -7.47 -4.95 -31.49
N GLY B 248 -7.76 -5.93 -30.65
CA GLY B 248 -6.78 -6.81 -30.00
C GLY B 248 -5.28 -6.57 -30.04
N GLN B 249 -4.81 -5.60 -29.24
CA GLN B 249 -3.42 -5.23 -29.25
C GLN B 249 -2.98 -4.82 -27.87
N ASP B 250 -1.68 -4.97 -27.59
CA ASP B 250 -1.16 -4.61 -26.29
C ASP B 250 -0.74 -3.12 -26.28
N VAL B 251 -1.64 -2.25 -25.80
CA VAL B 251 -1.43 -0.81 -25.72
C VAL B 251 -0.63 -0.36 -24.52
N LEU B 252 -0.23 0.89 -24.56
CA LEU B 252 0.48 1.54 -23.48
C LEU B 252 -0.32 2.80 -23.21
N LEU B 253 -0.37 3.26 -21.97
CA LEU B 253 -1.12 4.44 -21.64
C LEU B 253 -0.34 5.29 -20.66
N PHE B 254 -0.18 6.55 -21.00
CA PHE B 254 0.57 7.46 -20.15
C PHE B 254 -0.30 8.57 -19.60
N ILE B 255 -0.57 8.49 -18.29
CA ILE B 255 -1.37 9.47 -17.59
C ILE B 255 -0.42 10.39 -16.83
N ASP B 256 -0.32 11.67 -17.20
CA ASP B 256 0.54 12.60 -16.42
C ASP B 256 -0.30 13.08 -15.26
N ASN B 257 -0.15 12.35 -14.14
CA ASN B 257 -0.88 12.55 -12.90
C ASN B 257 -2.31 12.06 -13.06
N ILE B 258 -2.63 10.94 -12.41
CA ILE B 258 -3.95 10.31 -12.53
C ILE B 258 -4.92 10.61 -11.33
N PHE B 259 -4.34 11.30 -10.33
CA PHE B 259 -5.09 11.63 -9.15
C PHE B 259 -5.68 13.02 -9.26
N ARG B 260 -5.44 13.61 -10.43
CA ARG B 260 -6.02 14.87 -10.75
C ARG B 260 -7.47 14.50 -10.97
N PHE B 261 -7.67 13.21 -11.20
CA PHE B 261 -8.99 12.61 -11.35
C PHE B 261 -9.70 12.85 -9.96
N THR B 262 -8.88 13.21 -8.96
CA THR B 262 -9.45 13.43 -7.65
C THR B 262 -9.42 14.87 -7.17
N GLN B 263 -8.46 15.67 -7.64
CA GLN B 263 -8.44 17.12 -7.32
C GLN B 263 -9.78 17.57 -7.76
N ALA B 264 -10.20 16.94 -8.87
CA ALA B 264 -11.44 17.18 -9.54
C ALA B 264 -12.62 17.16 -8.55
N GLY B 265 -12.81 16.02 -7.90
CA GLY B 265 -13.89 15.84 -6.94
C GLY B 265 -13.71 16.77 -5.76
N SER B 266 -12.47 16.93 -5.38
CA SER B 266 -12.08 17.80 -4.31
C SER B 266 -12.46 19.21 -4.73
N GLU B 267 -12.80 19.42 -5.98
CA GLU B 267 -13.21 20.76 -6.39
C GLU B 267 -14.68 20.78 -6.75
N VAL B 268 -15.31 19.62 -6.75
CA VAL B 268 -16.72 19.61 -7.11
C VAL B 268 -17.63 19.00 -6.01
N SER B 269 -17.03 18.16 -5.15
CA SER B 269 -17.74 17.47 -4.05
C SER B 269 -18.67 18.30 -3.23
N ALA B 270 -18.12 19.04 -2.29
CA ALA B 270 -18.89 19.92 -1.42
C ALA B 270 -19.88 20.79 -2.24
N LEU B 271 -19.42 21.36 -3.33
CA LEU B 271 -20.29 22.18 -4.14
C LEU B 271 -21.34 21.39 -4.89
N LEU B 272 -21.45 20.12 -4.54
CA LEU B 272 -22.44 19.24 -5.16
C LEU B 272 -23.56 18.89 -4.15
N GLY B 273 -23.29 19.16 -2.86
CA GLY B 273 -24.25 18.86 -1.80
C GLY B 273 -23.77 17.68 -0.97
N ARG B 274 -22.47 17.58 -0.75
CA ARG B 274 -21.85 16.45 -0.04
C ARG B 274 -21.17 16.96 1.24
N ILE B 275 -20.96 16.02 2.16
CA ILE B 275 -20.28 16.29 3.42
C ILE B 275 -18.82 15.86 3.23
N PRO B 276 -17.86 16.76 3.52
CA PRO B 276 -16.41 16.54 3.38
C PRO B 276 -15.86 15.38 4.17
N SER B 277 -14.56 15.16 3.98
CA SER B 277 -13.87 14.05 4.64
C SER B 277 -12.38 14.34 4.80
N ALA B 278 -11.60 13.28 4.79
CA ALA B 278 -10.14 13.37 4.93
C ALA B 278 -9.57 14.59 4.25
N VAL B 279 -9.10 15.55 5.04
CA VAL B 279 -8.53 16.81 4.49
C VAL B 279 -9.59 17.76 3.88
N GLY B 280 -10.80 17.26 3.73
CA GLY B 280 -11.90 18.02 3.18
C GLY B 280 -12.46 17.19 2.07
N TYR B 281 -11.53 16.66 1.28
CA TYR B 281 -11.79 15.76 0.17
C TYR B 281 -13.20 15.38 -0.21
N GLN B 282 -13.47 14.07 -0.19
CA GLN B 282 -14.73 13.56 -0.63
C GLN B 282 -15.09 12.19 -0.14
N PRO B 283 -16.36 11.94 0.12
CA PRO B 283 -16.67 10.60 0.60
C PRO B 283 -16.71 9.65 -0.62
N THR B 284 -15.89 9.90 -1.63
CA THR B 284 -15.93 9.03 -2.78
C THR B 284 -14.59 8.65 -3.35
N LEU B 285 -13.56 9.39 -2.96
CA LEU B 285 -12.18 9.15 -3.39
C LEU B 285 -11.77 7.74 -3.58
N ALA B 286 -12.28 6.86 -2.73
CA ALA B 286 -11.94 5.42 -2.78
C ALA B 286 -12.53 4.84 -4.04
N THR B 287 -13.87 4.87 -4.12
CA THR B 287 -14.59 4.33 -5.29
C THR B 287 -14.08 5.10 -6.55
N ASP B 288 -13.92 6.43 -6.45
CA ASP B 288 -13.38 7.24 -7.52
C ASP B 288 -12.11 6.54 -8.05
N MET B 289 -10.96 6.68 -7.38
CA MET B 289 -9.70 6.13 -7.77
C MET B 289 -9.93 4.69 -8.21
N GLY B 290 -10.82 4.01 -7.51
CA GLY B 290 -11.18 2.63 -7.82
C GLY B 290 -11.77 2.47 -9.20
N THR B 291 -13.08 2.75 -9.31
CA THR B 291 -13.86 2.63 -10.56
C THR B 291 -13.06 3.01 -11.84
N MET B 292 -12.14 3.94 -11.70
CA MET B 292 -11.35 4.41 -12.80
C MET B 292 -10.17 3.51 -13.11
N GLN B 293 -9.32 3.26 -12.13
CA GLN B 293 -8.16 2.47 -12.36
C GLN B 293 -8.46 1.04 -12.75
N GLU B 294 -9.63 0.56 -12.40
CA GLU B 294 -10.04 -0.80 -12.73
C GLU B 294 -10.53 -0.94 -14.18
N ARG B 295 -9.94 -0.17 -15.10
CA ARG B 295 -10.28 -0.24 -16.51
C ARG B 295 -9.01 -0.40 -17.28
N ILE B 296 -7.98 0.23 -16.74
CA ILE B 296 -6.65 0.21 -17.34
C ILE B 296 -5.99 -1.11 -16.99
N THR B 297 -6.56 -2.19 -17.50
CA THR B 297 -6.00 -3.48 -17.25
C THR B 297 -6.04 -4.36 -18.49
N THR B 298 -5.44 -5.54 -18.36
CA THR B 298 -5.34 -6.57 -19.38
C THR B 298 -6.65 -7.37 -19.44
N THR B 299 -6.72 -8.36 -20.31
CA THR B 299 -7.92 -9.20 -20.47
C THR B 299 -7.72 -10.24 -21.55
N LYS B 300 -8.71 -11.11 -21.64
CA LYS B 300 -8.76 -12.23 -22.60
C LYS B 300 -8.89 -11.76 -24.05
N LYS B 301 -8.72 -10.44 -24.24
CA LYS B 301 -8.83 -9.84 -25.57
C LYS B 301 -7.64 -8.94 -25.91
N GLY B 302 -6.91 -8.51 -24.89
CA GLY B 302 -5.76 -7.67 -25.12
C GLY B 302 -5.18 -7.13 -23.85
N SER B 303 -4.00 -6.49 -23.89
CA SER B 303 -3.31 -5.95 -22.72
C SER B 303 -3.03 -4.48 -22.78
N ILE B 304 -2.99 -3.85 -21.61
CA ILE B 304 -2.69 -2.39 -21.51
C ILE B 304 -1.62 -2.22 -20.50
N THR B 305 -0.40 -2.09 -20.98
CA THR B 305 0.73 -1.88 -20.10
C THR B 305 0.72 -0.40 -19.77
N SER B 306 0.17 0.01 -18.64
CA SER B 306 0.18 1.45 -18.35
C SER B 306 1.19 2.05 -17.36
N VAL B 307 1.33 3.36 -17.49
CA VAL B 307 2.25 4.16 -16.69
C VAL B 307 1.54 5.43 -16.19
N GLN B 308 1.30 5.49 -14.88
CA GLN B 308 0.66 6.63 -14.34
C GLN B 308 1.60 7.49 -13.51
N ALA B 309 1.01 8.44 -12.81
CA ALA B 309 1.76 9.33 -12.01
C ALA B 309 0.86 9.87 -10.93
N ILE B 310 1.36 9.89 -9.69
CA ILE B 310 0.51 10.35 -8.62
C ILE B 310 1.25 11.33 -7.74
N TYR B 311 0.69 12.52 -7.65
CA TYR B 311 1.19 13.64 -6.87
C TYR B 311 1.05 13.53 -5.33
N VAL B 312 1.99 14.12 -4.60
CA VAL B 312 2.01 14.09 -3.12
C VAL B 312 1.74 15.45 -2.46
N PRO B 313 0.44 15.85 -2.33
CA PRO B 313 0.06 17.13 -1.73
C PRO B 313 0.70 17.41 -0.38
N ALA B 314 1.31 18.60 -0.28
CA ALA B 314 1.99 19.07 0.92
C ALA B 314 3.14 18.14 1.33
N ASP B 315 3.61 17.37 0.36
CA ASP B 315 4.74 16.45 0.57
C ASP B 315 4.39 15.34 1.52
N ASP B 316 3.11 15.21 1.83
CA ASP B 316 2.65 14.19 2.76
C ASP B 316 2.17 12.89 2.15
N LEU B 317 2.97 11.83 2.22
CA LEU B 317 2.46 10.56 1.71
C LEU B 317 1.21 10.19 2.52
N THR B 318 1.09 10.81 3.71
CA THR B 318 0.01 10.65 4.63
C THR B 318 -1.29 11.20 4.11
N ASP B 319 -1.23 11.66 2.88
CA ASP B 319 -2.40 12.20 2.20
C ASP B 319 -3.15 10.96 1.70
N PRO B 320 -4.49 10.93 1.83
CA PRO B 320 -5.21 9.74 1.36
C PRO B 320 -5.26 9.74 -0.17
N ALA B 321 -4.41 10.56 -0.78
CA ALA B 321 -4.29 10.70 -2.22
C ALA B 321 -3.20 9.84 -2.78
N PRO B 322 -1.96 10.02 -2.31
CA PRO B 322 -0.93 9.15 -2.89
C PRO B 322 -1.28 7.81 -2.28
N ALA B 323 -1.56 7.84 -0.97
CA ALA B 323 -1.91 6.67 -0.20
C ALA B 323 -2.89 5.75 -0.92
N THR B 324 -4.18 6.02 -0.83
CA THR B 324 -5.23 5.20 -1.45
C THR B 324 -4.85 4.61 -2.79
N THR B 325 -4.07 5.40 -3.53
CA THR B 325 -3.64 5.00 -4.87
C THR B 325 -2.78 3.73 -4.86
N PHE B 326 -1.73 3.71 -4.04
CA PHE B 326 -0.81 2.56 -3.91
C PHE B 326 -1.35 1.20 -4.24
N ALA B 327 -2.50 0.88 -3.69
CA ALA B 327 -3.11 -0.43 -3.88
C ALA B 327 -3.40 -0.78 -5.34
N HIS B 328 -3.07 0.10 -6.27
CA HIS B 328 -3.36 -0.12 -7.69
C HIS B 328 -2.09 -0.35 -8.52
N LEU B 329 -1.01 0.37 -8.24
CA LEU B 329 0.26 0.32 -8.97
C LEU B 329 1.22 -0.89 -8.83
N ASP B 330 1.38 -1.63 -9.92
CA ASP B 330 2.22 -2.81 -10.01
C ASP B 330 3.69 -2.50 -10.04
N ALA B 331 4.12 -1.67 -9.09
CA ALA B 331 5.54 -1.23 -8.85
C ALA B 331 5.48 0.19 -8.30
N THR B 332 6.13 0.41 -7.16
CA THR B 332 6.15 1.75 -6.55
C THR B 332 7.51 2.52 -6.78
N THR B 333 7.50 3.84 -6.65
CA THR B 333 8.70 4.67 -6.83
C THR B 333 8.50 6.04 -6.18
N VAL B 334 8.42 6.08 -4.84
CA VAL B 334 8.23 7.35 -4.12
C VAL B 334 9.49 8.23 -4.09
N LEU B 335 9.62 9.06 -5.12
CA LEU B 335 10.70 9.96 -5.24
C LEU B 335 10.64 10.89 -4.00
N SER B 336 11.76 11.07 -3.30
CA SER B 336 11.80 11.90 -2.08
C SER B 336 12.37 13.28 -2.34
N ARG B 337 11.78 14.27 -1.65
CA ARG B 337 12.24 15.64 -1.75
C ARG B 337 13.54 15.81 -0.96
N ALA B 338 13.70 15.08 0.12
CA ALA B 338 14.91 15.18 0.90
C ALA B 338 16.05 14.49 0.13
N ILE B 339 15.69 13.85 -1.00
CA ILE B 339 16.60 13.11 -1.89
C ILE B 339 17.15 14.01 -3.02
N ALA B 340 16.32 14.91 -3.52
CA ALA B 340 16.77 15.82 -4.53
C ALA B 340 17.90 16.75 -4.07
N GLU B 341 17.96 16.97 -2.75
CA GLU B 341 19.03 17.77 -2.15
C GLU B 341 20.28 16.97 -2.43
N LEU B 342 20.19 15.69 -2.11
CA LEU B 342 21.27 14.77 -2.28
C LEU B 342 21.60 14.56 -3.76
N GLY B 343 20.74 15.11 -4.62
CA GLY B 343 20.94 15.03 -6.05
C GLY B 343 20.53 13.71 -6.65
N ILE B 344 20.47 12.68 -5.83
CA ILE B 344 20.08 11.34 -6.23
C ILE B 344 18.90 11.38 -7.21
N TYR B 345 19.19 11.10 -8.47
CA TYR B 345 18.15 11.14 -9.46
C TYR B 345 18.11 10.02 -10.49
N PRO B 346 16.93 9.43 -10.68
CA PRO B 346 15.64 9.71 -10.01
C PRO B 346 15.65 9.69 -8.47
N ALA B 347 14.68 10.35 -7.82
CA ALA B 347 14.65 10.36 -6.39
C ALA B 347 13.98 9.15 -5.78
N VAL B 348 13.88 8.06 -6.54
CA VAL B 348 13.28 6.79 -6.06
C VAL B 348 13.96 6.41 -4.72
N ASP B 349 13.16 6.08 -3.69
CA ASP B 349 13.70 5.76 -2.39
C ASP B 349 13.92 4.28 -2.02
N PRO B 350 15.05 3.97 -1.39
CA PRO B 350 15.38 2.60 -0.99
C PRO B 350 14.46 1.96 0.05
N LEU B 351 13.19 2.38 0.07
CA LEU B 351 12.23 1.80 1.00
C LEU B 351 10.82 1.58 0.39
N ASP B 352 10.16 2.70 0.17
CA ASP B 352 8.80 2.76 -0.38
C ASP B 352 8.63 2.47 -1.89
N SER B 353 9.45 1.61 -2.50
CA SER B 353 9.35 1.35 -3.96
C SER B 353 9.11 -0.16 -4.16
N THR B 354 7.89 -0.60 -3.86
CA THR B 354 7.48 -2.01 -3.94
C THR B 354 7.21 -2.54 -5.32
N SER B 355 6.75 -3.79 -5.37
CA SER B 355 6.39 -4.46 -6.63
C SER B 355 5.74 -5.82 -6.36
N ARG B 356 4.78 -6.18 -7.20
CA ARG B 356 4.08 -7.45 -7.11
C ARG B 356 4.55 -8.31 -8.28
N ILE B 357 5.83 -8.17 -8.58
CA ILE B 357 6.52 -8.91 -9.65
C ILE B 357 8.03 -9.01 -9.35
N MET B 358 8.35 -8.99 -8.06
CA MET B 358 9.76 -9.09 -7.66
C MET B 358 10.26 -10.43 -7.07
N ASP B 359 9.65 -11.54 -7.50
CA ASP B 359 10.02 -12.87 -7.00
C ASP B 359 11.10 -13.53 -7.86
N PRO B 360 11.99 -14.37 -7.25
CA PRO B 360 13.07 -15.03 -7.97
C PRO B 360 12.71 -15.73 -9.25
N ASN B 361 11.42 -16.05 -9.39
CA ASN B 361 10.89 -16.75 -10.55
C ASN B 361 10.92 -15.87 -11.79
N ILE B 362 10.59 -14.60 -11.59
CA ILE B 362 10.61 -13.65 -12.70
C ILE B 362 11.76 -12.64 -12.70
N VAL B 363 12.23 -12.17 -11.54
CA VAL B 363 13.34 -11.18 -11.51
C VAL B 363 14.71 -11.83 -11.39
N GLY B 364 14.83 -12.83 -10.49
CA GLY B 364 16.10 -13.51 -10.32
C GLY B 364 16.28 -13.78 -8.85
N SER B 365 16.92 -14.89 -8.53
CA SER B 365 17.21 -15.30 -7.18
C SER B 365 18.41 -14.46 -6.73
N GLU B 366 19.35 -14.35 -7.68
CA GLU B 366 20.59 -13.58 -7.49
C GLU B 366 20.17 -12.13 -7.34
N HIS B 367 19.40 -11.64 -8.30
CA HIS B 367 18.93 -10.26 -8.31
C HIS B 367 18.04 -9.90 -7.15
N TYR B 368 16.98 -10.65 -6.87
CA TYR B 368 16.11 -10.29 -5.77
C TYR B 368 16.75 -10.43 -4.36
N ASP B 369 17.86 -11.16 -4.28
CA ASP B 369 18.61 -11.36 -3.01
C ASP B 369 19.47 -10.15 -2.63
N VAL B 370 20.24 -9.66 -3.58
CA VAL B 370 21.09 -8.48 -3.36
C VAL B 370 20.23 -7.23 -3.30
N ALA B 371 18.95 -7.39 -3.67
CA ALA B 371 17.99 -6.31 -3.65
C ALA B 371 17.57 -6.24 -2.21
N ARG B 372 17.37 -7.43 -1.63
CA ARG B 372 17.00 -7.55 -0.25
C ARG B 372 18.21 -7.06 0.51
N GLY B 373 19.37 -7.50 0.04
CA GLY B 373 20.63 -7.15 0.66
C GLY B 373 20.97 -5.69 0.47
N VAL B 374 20.56 -5.05 -0.62
CA VAL B 374 20.83 -3.65 -0.86
C VAL B 374 19.96 -2.80 0.09
N GLN B 375 18.68 -3.12 0.18
CA GLN B 375 17.81 -2.39 1.11
C GLN B 375 18.13 -2.78 2.56
N LYS B 376 18.69 -3.98 2.78
CA LYS B 376 19.06 -4.43 4.13
C LYS B 376 20.15 -3.52 4.65
N ILE B 377 21.27 -3.54 3.96
CA ILE B 377 22.39 -2.72 4.32
C ILE B 377 21.85 -1.30 4.46
N LEU B 378 20.96 -0.93 3.53
CA LEU B 378 20.33 0.40 3.52
C LEU B 378 19.50 0.74 4.77
N GLN B 379 18.77 -0.21 5.30
CA GLN B 379 17.94 0.03 6.46
C GLN B 379 18.80 0.41 7.69
N ASP B 380 19.67 -0.50 8.12
CA ASP B 380 20.56 -0.22 9.26
C ASP B 380 21.47 0.95 8.88
N TYR B 381 21.52 1.25 7.58
CA TYR B 381 22.29 2.34 7.00
C TYR B 381 21.54 3.62 7.35
N LYS B 382 20.23 3.61 7.12
CA LYS B 382 19.38 4.78 7.42
C LYS B 382 19.51 5.12 8.90
N SER B 383 19.66 4.10 9.73
CA SER B 383 19.80 4.29 11.17
C SER B 383 21.21 4.80 11.49
N LEU B 384 22.23 4.02 11.11
CA LEU B 384 23.63 4.36 11.37
C LEU B 384 24.03 5.77 10.93
N GLN B 385 23.57 6.16 9.74
CA GLN B 385 23.86 7.49 9.18
C GLN B 385 23.63 8.58 10.23
N ASP B 386 22.82 8.28 11.22
CA ASP B 386 22.56 9.27 12.24
C ASP B 386 22.69 8.54 13.57
N ILE B 387 21.85 7.52 13.76
CA ILE B 387 21.91 6.77 15.01
C ILE B 387 23.33 6.21 15.33
N ILE B 388 23.67 6.12 16.62
CA ILE B 388 24.96 5.56 17.06
C ILE B 388 26.15 6.44 16.73
N ALA B 389 26.52 6.52 15.45
CA ALA B 389 27.67 7.33 15.00
C ALA B 389 27.45 8.93 15.09
N ILE B 390 26.17 9.36 14.97
CA ILE B 390 25.68 10.79 15.00
C ILE B 390 26.33 11.50 13.85
N LEU B 391 25.65 11.41 12.71
CA LEU B 391 26.07 12.04 11.48
C LEU B 391 27.44 11.61 10.96
N GLY B 392 28.49 12.21 11.53
CA GLY B 392 29.86 11.90 11.13
C GLY B 392 30.00 10.39 11.10
N MET B 393 30.49 9.86 9.99
CA MET B 393 30.71 8.42 9.84
C MET B 393 32.06 8.11 10.54
N ASP B 394 32.87 7.20 9.99
CA ASP B 394 34.16 6.87 10.63
C ASP B 394 33.81 6.02 11.88
N GLU B 395 33.64 6.66 13.04
CA GLU B 395 33.41 6.03 14.38
C GLU B 395 34.17 4.74 14.54
N LEU B 396 33.42 3.65 14.68
CA LEU B 396 34.00 2.34 14.85
C LEU B 396 33.18 1.45 13.96
N SER B 397 33.12 0.18 14.33
CA SER B 397 32.34 -0.78 13.59
C SER B 397 32.43 -0.61 12.04
N GLU B 398 33.47 -1.19 11.43
CA GLU B 398 33.66 -1.11 9.97
C GLU B 398 32.54 -1.95 9.31
N GLU B 399 31.85 -2.75 10.12
CA GLU B 399 30.73 -3.64 9.69
C GLU B 399 29.70 -2.74 9.02
N ARG B 406 30.10 0.82 0.47
CA ARG B 406 29.19 -0.18 -0.15
C ARG B 406 27.87 0.47 -0.48
N ALA B 407 27.15 0.84 0.58
CA ALA B 407 25.83 1.48 0.44
C ALA B 407 25.92 2.79 -0.28
N ARG B 408 26.72 3.72 0.28
CA ARG B 408 26.94 5.06 -0.31
C ARG B 408 27.31 4.82 -1.78
N LYS B 409 27.99 3.68 -2.05
CA LYS B 409 28.39 3.29 -3.37
C LYS B 409 27.06 3.00 -4.13
N ILE B 410 26.35 1.93 -3.75
CA ILE B 410 25.12 1.51 -4.37
C ILE B 410 24.13 2.67 -4.52
N GLN B 411 24.20 3.65 -3.62
CA GLN B 411 23.24 4.74 -3.72
C GLN B 411 23.58 5.51 -5.02
N ARG B 412 24.85 5.56 -5.34
CA ARG B 412 25.30 6.28 -6.55
C ARG B 412 25.02 5.46 -7.79
N PHE B 413 24.96 4.14 -7.61
CA PHE B 413 24.69 3.16 -8.67
C PHE B 413 23.33 3.36 -9.34
N LEU B 414 22.30 3.39 -8.49
CA LEU B 414 20.92 3.54 -8.88
C LEU B 414 20.50 4.98 -9.14
N SER B 415 21.52 5.87 -9.21
CA SER B 415 21.30 7.33 -9.50
C SER B 415 21.55 7.69 -10.95
N GLN B 416 21.28 6.73 -11.82
CA GLN B 416 21.40 6.84 -13.25
C GLN B 416 20.79 8.17 -13.73
N PRO B 417 21.65 9.16 -14.14
CA PRO B 417 21.16 10.47 -14.61
C PRO B 417 20.45 10.54 -16.00
N PHE B 418 20.55 9.43 -16.74
CA PHE B 418 19.96 9.22 -18.07
C PHE B 418 19.66 10.37 -19.02
N GLN B 419 18.83 10.03 -20.01
CA GLN B 419 18.42 10.89 -21.11
C GLN B 419 17.66 12.18 -20.82
N VAL B 420 16.40 12.09 -20.42
CA VAL B 420 15.54 13.24 -20.16
C VAL B 420 16.07 14.31 -19.20
N ALA B 421 17.26 14.06 -18.64
CA ALA B 421 17.93 15.00 -17.73
C ALA B 421 19.15 15.67 -18.35
N GLU B 422 19.24 15.66 -19.67
CA GLU B 422 20.35 16.26 -20.37
C GLU B 422 20.36 17.80 -20.23
N VAL B 423 19.17 18.42 -20.34
CA VAL B 423 19.02 19.87 -20.23
C VAL B 423 19.61 20.52 -18.95
N PHE B 424 20.27 19.71 -18.12
CA PHE B 424 20.89 20.20 -16.89
C PHE B 424 22.44 20.19 -16.94
N THR B 425 23.08 19.04 -17.22
CA THR B 425 24.52 19.01 -17.27
C THR B 425 25.20 18.09 -18.31
N GLY B 426 24.60 18.02 -19.51
CA GLY B 426 25.19 17.23 -20.54
C GLY B 426 25.20 15.72 -20.29
N HIS B 427 24.98 15.28 -19.06
CA HIS B 427 24.95 13.87 -18.78
C HIS B 427 23.89 13.27 -19.69
N MET B 428 24.21 12.16 -20.33
CA MET B 428 23.26 11.54 -21.24
C MET B 428 22.84 10.11 -20.89
N GLY B 429 21.93 9.63 -21.72
CA GLY B 429 21.30 8.32 -21.66
C GLY B 429 21.99 7.23 -20.91
N LYS B 430 22.20 7.41 -19.61
CA LYS B 430 22.80 6.36 -18.78
C LYS B 430 21.67 5.31 -18.67
N LEU B 431 21.87 4.13 -19.28
CA LEU B 431 20.86 3.06 -19.28
C LEU B 431 21.43 1.61 -19.44
N VAL B 432 21.04 0.97 -20.55
CA VAL B 432 21.43 -0.41 -20.91
C VAL B 432 20.69 -1.53 -20.11
N PRO B 433 19.82 -2.31 -20.81
CA PRO B 433 19.01 -3.42 -20.26
C PRO B 433 19.65 -4.57 -19.48
N LEU B 434 19.87 -4.36 -18.18
CA LEU B 434 20.48 -5.33 -17.29
C LEU B 434 21.92 -5.68 -17.68
N LYS B 435 22.15 -6.05 -18.95
CA LYS B 435 23.44 -6.36 -19.56
C LYS B 435 24.64 -6.58 -18.61
N GLU B 436 25.24 -5.47 -18.14
CA GLU B 436 26.39 -5.56 -17.21
C GLU B 436 26.12 -5.14 -15.76
N THR B 437 24.93 -5.41 -15.27
CA THR B 437 24.67 -5.11 -13.86
C THR B 437 25.49 -6.18 -13.15
N ILE B 438 25.48 -7.39 -13.74
CA ILE B 438 26.21 -8.57 -13.22
C ILE B 438 27.63 -8.14 -12.99
N LYS B 439 28.32 -8.85 -12.11
CA LYS B 439 29.70 -8.54 -11.72
C LYS B 439 29.53 -7.21 -10.91
N GLY B 440 29.34 -6.08 -11.61
CA GLY B 440 29.17 -4.82 -10.93
C GLY B 440 28.54 -4.62 -9.52
N PHE B 441 27.21 -4.44 -9.43
CA PHE B 441 26.52 -4.23 -8.14
C PHE B 441 26.75 -5.27 -7.03
N GLN B 442 26.95 -6.53 -7.40
CA GLN B 442 27.18 -7.62 -6.47
C GLN B 442 28.47 -7.39 -5.72
N GLN B 443 29.48 -6.94 -6.47
CA GLN B 443 30.79 -6.68 -5.91
C GLN B 443 30.62 -5.80 -4.68
N ILE B 444 30.06 -4.59 -4.91
CA ILE B 444 29.87 -3.61 -3.83
C ILE B 444 29.52 -4.31 -2.52
N LEU B 445 28.36 -4.97 -2.51
CA LEU B 445 27.85 -5.69 -1.33
C LEU B 445 28.70 -6.75 -0.62
N ALA B 446 29.34 -7.65 -1.36
CA ALA B 446 30.18 -8.69 -0.75
C ALA B 446 31.50 -8.11 -0.33
N GLY B 447 31.81 -6.93 -0.87
CA GLY B 447 33.06 -6.26 -0.54
C GLY B 447 33.97 -6.02 -1.73
N ASP B 448 33.99 -6.97 -2.66
CA ASP B 448 34.81 -6.94 -3.88
C ASP B 448 34.82 -5.63 -4.59
N TYR B 449 35.99 -5.20 -5.07
CA TYR B 449 36.13 -3.94 -5.83
C TYR B 449 35.68 -2.65 -5.05
N ASP B 450 35.20 -2.83 -3.82
CA ASP B 450 34.66 -1.71 -3.05
C ASP B 450 35.71 -1.04 -2.16
N HIS B 451 36.11 0.17 -2.58
CA HIS B 451 37.07 1.03 -1.90
C HIS B 451 37.33 2.41 -2.52
N LEU B 452 36.97 2.58 -3.79
CA LEU B 452 37.18 3.83 -4.53
C LEU B 452 36.70 5.10 -3.80
N PRO B 453 37.64 6.01 -3.41
CA PRO B 453 37.39 7.29 -2.71
C PRO B 453 36.01 7.99 -2.79
N GLU B 454 35.03 7.38 -2.13
CA GLU B 454 33.64 7.87 -2.01
C GLU B 454 32.89 8.51 -3.21
N GLN B 455 32.69 9.84 -3.23
CA GLN B 455 31.97 10.51 -4.32
C GLN B 455 32.67 10.40 -5.68
N ALA B 456 33.83 9.74 -5.66
CA ALA B 456 34.62 9.53 -6.88
C ALA B 456 33.76 8.70 -7.83
N PHE B 457 32.73 8.08 -7.28
CA PHE B 457 31.80 7.30 -8.07
C PHE B 457 30.42 7.77 -7.63
N TYR B 458 30.05 8.92 -8.18
CA TYR B 458 28.80 9.58 -7.86
C TYR B 458 27.73 9.67 -8.99
N MET B 459 27.94 10.59 -9.91
CA MET B 459 27.00 10.83 -11.01
C MET B 459 27.16 9.95 -12.26
N VAL B 460 27.26 8.65 -12.01
CA VAL B 460 27.38 7.60 -12.98
C VAL B 460 26.96 6.24 -12.35
N GLY B 461 26.83 5.16 -13.13
CA GLY B 461 26.42 3.87 -12.60
C GLY B 461 27.37 2.67 -12.71
N PRO B 462 27.67 2.18 -13.94
CA PRO B 462 28.55 1.02 -14.17
C PRO B 462 29.95 1.03 -13.51
N ILE B 463 30.22 -0.03 -12.70
CA ILE B 463 31.48 -0.28 -11.95
C ILE B 463 32.72 -0.07 -12.83
N GLU B 464 32.53 -0.19 -14.15
CA GLU B 464 33.57 -0.04 -15.10
C GLU B 464 34.08 1.40 -15.11
N GLU B 465 33.26 2.32 -14.58
CA GLU B 465 33.58 3.74 -14.53
C GLU B 465 34.08 4.23 -13.18
N ALA B 466 34.55 3.28 -12.38
CA ALA B 466 35.12 3.52 -11.05
C ALA B 466 36.59 3.84 -11.36
N VAL B 467 37.19 3.00 -12.23
CA VAL B 467 38.55 3.06 -12.66
C VAL B 467 38.71 3.93 -13.94
N ALA B 468 37.58 4.13 -14.65
CA ALA B 468 37.54 4.96 -15.84
C ALA B 468 37.24 6.41 -15.43
N LYS B 469 37.30 6.65 -14.12
CA LYS B 469 37.11 7.96 -13.54
C LYS B 469 38.20 8.23 -12.54
N ALA B 470 38.72 7.16 -11.96
CA ALA B 470 39.81 7.24 -10.98
C ALA B 470 40.97 8.01 -11.65
N ASP B 471 40.99 7.85 -12.96
CA ASP B 471 41.97 8.47 -13.81
C ASP B 471 41.61 9.96 -13.89
N LYS B 472 40.32 10.20 -14.10
CA LYS B 472 39.78 11.60 -14.18
C LYS B 472 40.26 12.27 -12.86
N LEU B 473 39.80 11.75 -11.72
CA LEU B 473 40.25 12.29 -10.47
C LEU B 473 41.13 11.31 -9.76
N ALA B 474 42.44 11.49 -9.88
CA ALA B 474 43.44 10.64 -9.27
C ALA B 474 43.88 11.13 -7.88
N GLU B 475 44.35 10.19 -7.04
CA GLU B 475 44.83 10.45 -5.67
C GLU B 475 46.02 9.53 -5.24
N GLU B 476 47.26 10.06 -5.35
CA GLU B 476 48.50 9.31 -5.00
C GLU B 476 49.83 10.09 -5.13
N HIS B 477 50.91 9.40 -4.79
CA HIS B 477 52.30 9.90 -4.84
C HIS B 477 53.14 8.92 -3.97
N LYS C 4 1.18 17.29 21.95
CA LYS C 4 2.25 16.57 22.71
C LYS C 4 3.01 15.48 21.85
N ASP C 5 4.30 15.23 22.14
CA ASP C 5 5.21 14.25 21.46
C ASP C 5 6.62 14.81 21.21
N ILE C 6 6.74 15.75 20.28
CA ILE C 6 8.04 16.37 19.99
C ILE C 6 8.62 16.88 21.32
N THR C 7 7.77 17.17 22.31
CA THR C 7 8.33 17.66 23.58
C THR C 7 9.40 16.68 24.01
N ARG C 8 9.11 15.35 23.92
CA ARG C 8 9.99 14.18 24.27
C ARG C 8 11.36 14.20 23.57
N ARG C 9 11.38 14.22 22.25
CA ARG C 9 12.67 14.25 21.58
C ARG C 9 13.29 15.68 21.73
N LEU C 10 12.57 16.68 22.25
CA LEU C 10 13.17 18.04 22.43
C LEU C 10 13.82 18.12 23.82
N LYS C 11 13.49 17.14 24.65
CA LYS C 11 13.98 17.02 26.02
C LYS C 11 15.41 16.55 25.99
N SER C 12 15.63 15.47 25.24
CA SER C 12 16.95 14.84 25.10
C SER C 12 17.93 15.85 24.64
N ILE C 13 17.57 16.66 23.65
CA ILE C 13 18.49 17.65 23.20
C ILE C 13 18.88 18.55 24.36
N LYS C 14 17.87 19.14 24.99
CA LYS C 14 18.07 20.02 26.11
C LYS C 14 18.84 19.36 27.25
N ASN C 15 18.66 18.05 27.39
CA ASN C 15 19.32 17.26 28.42
C ASN C 15 20.79 17.12 28.07
N ILE C 16 21.08 17.04 26.77
CA ILE C 16 22.45 16.91 26.28
C ILE C 16 23.19 18.24 26.42
N GLN C 17 22.45 19.34 26.31
CA GLN C 17 23.02 20.68 26.43
C GLN C 17 23.80 20.88 27.72
N LYS C 18 23.07 20.93 28.84
CA LYS C 18 23.68 21.12 30.17
C LYS C 18 25.08 20.55 30.30
N ILE C 19 25.18 19.23 30.17
CA ILE C 19 26.45 18.53 30.29
C ILE C 19 27.47 18.95 29.23
N THR C 20 27.07 18.89 27.97
CA THR C 20 27.97 19.25 26.88
C THR C 20 28.34 20.74 26.81
N LYS C 21 27.33 21.59 26.73
CA LYS C 21 27.48 23.04 26.62
C LYS C 21 28.32 23.71 27.75
N SER C 22 28.25 23.15 28.97
CA SER C 22 29.00 23.65 30.15
C SER C 22 30.45 23.17 29.98
N MET C 23 30.64 21.88 29.71
CA MET C 23 31.98 21.34 29.53
C MET C 23 32.70 22.10 28.45
N LYS C 24 31.91 22.70 27.57
CA LYS C 24 32.44 23.48 26.49
C LYS C 24 33.43 24.53 27.01
N MET C 25 33.08 25.16 28.12
CA MET C 25 33.92 26.17 28.74
C MET C 25 35.18 25.50 29.27
N VAL C 26 35.00 24.31 29.84
CA VAL C 26 36.11 23.55 30.38
C VAL C 26 37.11 23.24 29.28
N ALA C 27 36.58 23.02 28.10
CA ALA C 27 37.40 22.71 26.96
C ALA C 27 38.60 23.62 26.81
N ALA C 28 38.45 24.89 27.19
CA ALA C 28 39.57 25.79 27.10
C ALA C 28 40.25 25.83 28.45
N ALA C 29 39.49 25.62 29.51
CA ALA C 29 40.06 25.67 30.84
C ALA C 29 41.22 24.70 31.03
N LYS C 30 41.08 23.48 30.54
CA LYS C 30 42.14 22.49 30.67
C LYS C 30 43.44 23.07 30.11
N TYR C 31 43.34 23.85 29.03
CA TYR C 31 44.53 24.44 28.41
C TYR C 31 45.24 25.39 29.36
N ALA C 32 44.46 26.23 30.05
CA ALA C 32 45.01 27.18 31.00
C ALA C 32 45.83 26.42 32.04
N ARG C 33 45.26 25.35 32.58
CA ARG C 33 45.96 24.57 33.58
C ARG C 33 46.96 23.61 32.93
N ALA C 34 47.95 24.17 32.24
CA ALA C 34 48.95 23.35 31.55
C ALA C 34 50.12 24.18 31.05
N GLU C 35 49.82 25.16 30.19
CA GLU C 35 50.86 25.98 29.59
C GLU C 35 51.79 26.71 30.57
N ARG C 36 51.24 27.26 31.67
CA ARG C 36 52.05 27.98 32.68
C ARG C 36 53.35 27.26 33.04
N GLU C 37 53.33 25.92 33.02
CA GLU C 37 54.53 25.15 33.35
C GLU C 37 55.13 24.41 32.13
N LEU C 38 54.27 24.01 31.20
CA LEU C 38 54.73 23.29 30.02
C LEU C 38 55.72 24.08 29.16
N LYS C 39 55.43 25.35 28.94
CA LYS C 39 56.27 26.19 28.10
C LYS C 39 57.79 26.15 28.31
N PRO C 40 58.28 26.42 29.53
CA PRO C 40 59.75 26.39 29.71
C PRO C 40 60.41 25.07 29.27
N ALA C 41 59.64 24.00 29.24
CA ALA C 41 60.12 22.67 28.86
C ALA C 41 60.03 22.41 27.36
N ARG C 42 59.28 23.26 26.65
CA ARG C 42 59.11 23.10 25.21
C ARG C 42 60.10 23.90 24.36
N VAL C 43 60.12 23.58 23.06
CA VAL C 43 60.99 24.21 22.07
C VAL C 43 62.48 24.22 22.45
N TYR C 44 63.02 25.39 22.78
CA TYR C 44 64.44 25.49 23.16
C TYR C 44 64.65 25.36 24.67
N GLY C 45 63.56 25.25 25.43
CA GLY C 45 63.64 25.13 26.89
C GLY C 45 64.26 23.82 27.31
N THR C 46 64.44 22.93 26.34
CA THR C 46 65.03 21.61 26.56
C THR C 46 66.13 21.28 25.56
N GLY C 47 65.72 21.11 24.32
CA GLY C 47 66.65 20.76 23.26
C GLY C 47 67.70 21.79 22.91
N SER C 48 68.22 21.69 21.69
CA SER C 48 69.27 22.55 21.17
C SER C 48 70.61 22.16 21.80
N LEU C 77 29.52 12.87 23.47
CA LEU C 77 30.61 11.94 23.07
C LEU C 77 31.94 12.53 23.52
N CYS C 78 33.03 12.06 22.94
CA CYS C 78 34.37 12.54 23.30
C CYS C 78 35.26 12.73 22.08
N GLY C 79 34.76 13.45 21.07
CA GLY C 79 35.51 13.68 19.85
C GLY C 79 36.07 12.38 19.27
N ALA C 80 37.37 12.37 19.00
CA ALA C 80 38.05 11.20 18.44
C ALA C 80 39.56 11.42 18.29
N ILE C 81 40.12 12.38 19.02
CA ILE C 81 41.55 12.66 18.93
C ILE C 81 42.42 11.59 19.56
N HIS C 82 42.02 11.08 20.71
CA HIS C 82 42.75 10.04 21.43
C HIS C 82 42.57 8.68 20.76
N SER C 83 42.88 8.59 19.46
CA SER C 83 42.74 7.35 18.70
C SER C 83 43.78 7.16 17.60
N SER C 84 43.88 8.13 16.69
CA SER C 84 44.82 8.02 15.57
C SER C 84 46.22 7.56 15.92
N VAL C 85 46.67 7.91 17.12
CA VAL C 85 48.00 7.53 17.56
C VAL C 85 48.07 6.05 17.95
N ALA C 86 47.10 5.60 18.73
CA ALA C 86 47.09 4.21 19.19
C ALA C 86 46.96 3.16 18.08
N LYS C 87 46.17 3.44 17.05
CA LYS C 87 45.97 2.47 15.97
C LYS C 87 47.19 2.28 15.07
N GLN C 88 48.25 3.05 15.31
CA GLN C 88 49.45 2.94 14.50
C GLN C 88 50.46 1.92 14.98
N MET C 89 49.97 0.78 15.45
CA MET C 89 50.87 -0.26 15.89
C MET C 89 50.79 -1.34 14.81
N LYS C 90 50.40 -0.95 13.61
CA LYS C 90 50.31 -1.89 12.50
C LYS C 90 50.55 -1.11 11.24
N LEU C 209 60.99 7.21 34.78
CA LEU C 209 62.10 8.03 34.18
C LEU C 209 61.48 9.24 33.50
N ALA C 210 61.54 10.37 34.20
CA ALA C 210 60.95 11.63 33.73
C ALA C 210 61.62 12.37 32.59
N ASN C 211 61.61 11.78 31.41
CA ASN C 211 62.19 12.40 30.23
C ASN C 211 61.18 12.40 29.09
N ILE C 212 61.31 11.44 28.19
CA ILE C 212 60.39 11.36 27.08
C ILE C 212 58.95 11.12 27.61
N ILE C 213 58.78 10.17 28.54
CA ILE C 213 57.48 9.82 29.14
C ILE C 213 56.68 10.97 29.76
N TYR C 214 57.37 12.05 30.12
CA TYR C 214 56.70 13.21 30.71
C TYR C 214 56.60 14.30 29.63
N TYR C 215 57.71 14.55 28.94
CA TYR C 215 57.74 15.53 27.86
C TYR C 215 56.64 15.21 26.84
N SER C 216 56.49 13.94 26.49
CA SER C 216 55.45 13.56 25.53
C SER C 216 54.08 13.72 26.14
N LEU C 217 53.87 13.14 27.32
CA LEU C 217 52.57 13.23 27.98
C LEU C 217 52.17 14.67 28.18
N LYS C 218 53.12 15.52 28.54
CA LYS C 218 52.82 16.93 28.73
C LYS C 218 52.23 17.52 27.46
N GLU C 219 52.79 17.14 26.32
CA GLU C 219 52.27 17.65 25.06
C GLU C 219 51.10 16.81 24.62
N SER C 220 51.07 15.57 25.09
CA SER C 220 49.97 14.66 24.75
C SER C 220 48.76 15.03 25.60
N THR C 221 48.96 15.60 26.80
CA THR C 221 47.85 15.98 27.67
C THR C 221 46.81 16.79 26.87
N THR C 222 47.29 17.86 26.24
CA THR C 222 46.48 18.79 25.43
C THR C 222 45.86 18.10 24.20
N SER C 223 46.59 17.16 23.58
CA SER C 223 46.10 16.42 22.41
C SER C 223 44.92 15.52 22.87
N GLU C 224 44.93 15.07 24.15
CA GLU C 224 43.88 14.21 24.74
C GLU C 224 42.61 14.99 25.15
N GLN C 225 42.73 16.04 25.97
CA GLN C 225 41.54 16.83 26.38
C GLN C 225 40.92 17.55 25.13
N SER C 226 41.69 17.80 24.06
CA SER C 226 41.14 18.46 22.84
C SER C 226 39.85 17.77 22.43
N ALA C 227 39.71 16.51 22.83
CA ALA C 227 38.49 15.78 22.50
C ALA C 227 37.30 16.53 23.07
N ARG C 228 37.45 17.05 24.29
CA ARG C 228 36.38 17.80 24.93
C ARG C 228 36.12 19.02 24.14
N MET C 229 37.21 19.67 23.78
CA MET C 229 37.09 20.83 22.97
C MET C 229 36.12 20.48 21.93
N THR C 230 36.50 19.55 21.06
CA THR C 230 35.60 19.19 20.00
C THR C 230 34.26 18.66 20.44
N ALA C 231 34.23 17.83 21.47
CA ALA C 231 32.97 17.25 21.93
C ALA C 231 31.94 18.24 22.37
N MET C 232 32.42 19.40 22.80
CA MET C 232 31.53 20.43 23.24
C MET C 232 31.46 21.53 22.14
N ASP C 233 32.30 21.52 21.10
CA ASP C 233 32.12 22.57 20.09
C ASP C 233 31.78 22.03 18.65
N ASN C 234 32.34 20.89 18.25
CA ASN C 234 32.05 20.31 16.92
C ASN C 234 30.92 19.29 17.04
N ALA C 235 30.52 18.96 18.27
CA ALA C 235 29.42 18.02 18.52
C ALA C 235 28.11 18.86 18.70
N SER C 236 28.25 20.11 19.23
CA SER C 236 27.18 21.14 19.54
C SER C 236 26.94 22.16 18.41
N LYS C 237 27.91 22.33 17.50
CA LYS C 237 27.74 23.26 16.39
C LYS C 237 26.72 22.65 15.42
N ASN C 238 26.89 21.35 15.22
CA ASN C 238 26.12 20.50 14.32
C ASN C 238 24.92 19.75 15.00
N ALA C 239 24.75 19.88 16.34
CA ALA C 239 23.63 19.25 17.13
C ALA C 239 22.46 20.23 17.55
N SER C 240 22.63 21.57 17.40
CA SER C 240 21.65 22.69 17.77
C SER C 240 20.57 22.93 16.80
N ASP C 241 21.00 23.05 15.57
CA ASP C 241 20.13 23.25 14.48
C ASP C 241 18.81 22.55 14.86
N MET C 242 18.98 21.28 15.26
CA MET C 242 17.92 20.35 15.70
C MET C 242 17.10 20.97 16.81
N ILE C 243 17.68 21.91 17.54
CA ILE C 243 16.87 22.53 18.55
C ILE C 243 15.96 23.47 17.72
N ASP C 244 16.58 24.29 16.86
CA ASP C 244 15.85 25.25 16.01
C ASP C 244 15.00 24.56 14.95
N LYS C 245 15.28 23.28 14.66
CA LYS C 245 14.48 22.50 13.70
C LYS C 245 13.28 21.83 14.44
N LEU C 246 13.47 20.77 15.23
CA LEU C 246 12.32 20.18 15.96
C LEU C 246 11.47 21.22 16.72
N THR C 247 12.02 22.38 17.12
CA THR C 247 11.18 23.39 17.80
C THR C 247 10.32 23.99 16.69
N LEU C 248 10.92 24.26 15.52
CA LEU C 248 10.21 24.88 14.40
C LEU C 248 9.12 24.06 13.68
N THR C 249 8.99 22.75 13.96
CA THR C 249 7.94 21.90 13.35
C THR C 249 6.77 21.69 14.42
N PHE C 250 7.07 21.86 15.73
CA PHE C 250 6.10 21.77 16.91
C PHE C 250 5.02 22.70 16.51
N ASN C 251 5.44 23.95 16.40
CA ASN C 251 4.59 25.04 16.01
C ASN C 251 3.95 24.70 14.62
N ARG C 252 4.55 23.73 13.92
CA ARG C 252 4.00 23.27 12.62
C ARG C 252 2.93 22.29 12.98
N THR C 253 3.25 21.35 13.87
CA THR C 253 2.19 20.46 14.22
C THR C 253 1.51 20.85 15.53
N ARG C 254 1.72 22.09 15.91
CA ARG C 254 1.10 22.68 17.09
C ARG C 254 -0.10 23.31 16.40
N GLN C 255 0.22 24.08 15.37
CA GLN C 255 -0.75 24.77 14.55
C GLN C 255 -1.63 23.76 13.87
N ALA C 256 -0.96 22.76 13.32
CA ALA C 256 -1.66 21.72 12.62
C ALA C 256 -2.84 21.15 13.39
N VAL C 257 -2.55 20.45 14.49
CA VAL C 257 -3.62 19.88 15.29
C VAL C 257 -4.72 20.92 15.52
N ILE C 258 -4.33 22.12 15.91
CA ILE C 258 -5.26 23.23 16.17
C ILE C 258 -6.12 23.49 14.96
N THR C 259 -5.53 23.31 13.79
CA THR C 259 -6.27 23.56 12.57
C THR C 259 -6.67 22.24 11.87
N LYS C 260 -6.63 21.14 12.62
CA LYS C 260 -7.01 19.84 12.11
C LYS C 260 -8.34 19.46 12.78
N GLU C 261 -8.31 19.32 14.11
CA GLU C 261 -9.51 18.98 14.89
C GLU C 261 -10.54 20.09 14.74
N LEU C 262 -10.06 21.31 14.53
CA LEU C 262 -10.94 22.45 14.35
C LEU C 262 -11.85 22.17 13.16
N ILE C 263 -11.33 21.48 12.16
CA ILE C 263 -12.12 21.15 10.98
C ILE C 263 -13.34 20.30 11.39
N GLU C 264 -13.10 19.17 12.07
CA GLU C 264 -14.11 18.23 12.56
C GLU C 264 -15.18 18.91 13.36
N ILE C 265 -14.78 19.76 14.31
CA ILE C 265 -15.74 20.47 15.15
C ILE C 265 -16.81 21.14 14.28
N ILE C 266 -16.38 21.79 13.19
CA ILE C 266 -17.31 22.48 12.30
C ILE C 266 -17.86 21.55 11.19
N SER C 267 -17.11 20.50 10.87
CA SER C 267 -17.50 19.53 9.86
C SER C 267 -18.91 19.00 10.13
N GLY C 268 -19.31 19.06 11.39
CA GLY C 268 -20.65 18.60 11.75
C GLY C 268 -21.48 19.82 12.10
N ALA C 269 -20.95 20.70 12.96
CA ALA C 269 -21.63 21.91 13.43
C ALA C 269 -22.34 22.74 12.36
N ALA C 270 -21.59 23.22 11.38
CA ALA C 270 -22.13 24.08 10.32
C ALA C 270 -23.22 23.54 9.40
N ALA C 271 -23.29 22.23 9.15
CA ALA C 271 -24.32 21.65 8.28
C ALA C 271 -25.34 20.83 9.06
N LEU C 272 -26.60 21.28 9.08
CA LEU C 272 -27.64 20.56 9.80
C LEU C 272 -29.00 20.72 9.11
N ASP C 273 -29.73 21.80 9.45
CA ASP C 273 -31.04 22.08 8.86
C ASP C 273 -31.22 23.57 8.69
MG MG D . -3.16 -7.63 0.00
PG ATP E . -0.71 -5.74 -0.59
O1G ATP E . -1.68 -4.61 -0.67
O2G ATP E . -1.09 -6.85 -1.58
O3G ATP E . 0.68 -5.24 -0.94
PB ATP E . 0.54 -7.13 1.59
O1B ATP E . 0.25 -7.48 2.96
O2B ATP E . 1.76 -6.28 1.48
O3B ATP E . -0.67 -6.28 0.98
PA ATP E . 1.61 -8.83 -0.40
O1A ATP E . 0.95 -9.92 -1.13
O2A ATP E . 2.03 -7.66 -1.29
O3A ATP E . 0.56 -8.42 0.70
O5' ATP E . 2.78 -9.41 0.50
C5' ATP E . 3.70 -10.32 0.10
C4' ATP E . 4.79 -9.86 -0.96
O4' ATP E . 5.84 -10.68 -0.69
C3' ATP E . 4.31 -10.17 -2.37
O3' ATP E . 4.70 -9.05 -3.15
C2' ATP E . 5.03 -11.52 -2.71
O2' ATP E . 5.45 -11.78 -4.01
C1' ATP E . 6.18 -11.61 -1.73
N9 ATP E . 6.38 -12.80 -0.79
C8 ATP E . 5.37 -13.70 -0.43
N7 ATP E . 5.89 -14.56 0.42
C5 ATP E . 7.20 -14.28 0.66
C6 ATP E . 8.29 -14.83 1.47
N6 ATP E . 8.19 -15.76 2.35
N1 ATP E . 9.60 -14.21 1.43
C2 ATP E . 9.89 -13.05 0.62
N3 ATP E . 8.85 -12.52 -0.17
C4 ATP E . 7.52 -13.12 -0.15
V VO4 F . 4.11 17.68 -9.90
O1 VO4 F . 4.16 16.58 -8.70
O2 VO4 F . 2.90 17.82 -11.04
O3 VO4 F . 5.22 18.86 -10.23
O4 VO4 F . 2.94 19.25 -8.72
MG MG G . 4.50 17.13 -13.39
PB ADP H . 7.25 16.74 -11.97
O1B ADP H . 6.96 17.68 -10.91
O2B ADP H . 6.65 15.43 -11.85
O3B ADP H . 7.09 17.30 -13.40
PA ADP H . 10.02 16.84 -12.69
O1A ADP H . 10.45 15.56 -13.28
O2A ADP H . 9.73 17.92 -13.72
O3A ADP H . 8.80 16.47 -11.78
O5' ADP H . 11.21 17.20 -11.73
C5' ADP H . 11.37 18.43 -10.96
C4' ADP H . 12.80 19.01 -10.96
O4' ADP H . 13.66 17.96 -10.38
C3' ADP H . 13.49 19.35 -12.31
O3' ADP H . 13.26 20.75 -12.57
C2' ADP H . 15.01 18.99 -12.08
O2' ADP H . 15.78 20.00 -11.40
C1' ADP H . 14.90 17.80 -11.10
N9 ADP H . 14.99 16.47 -11.91
C8 ADP H . 13.94 15.70 -12.42
N7 ADP H . 14.34 14.54 -13.03
C5 ADP H . 15.74 14.60 -12.92
C6 ADP H . 16.79 13.65 -13.34
N6 ADP H . 16.59 12.51 -13.92
N1 ADP H . 18.10 14.07 -13.03
C2 ADP H . 18.39 15.28 -12.38
N3 ADP H . 17.45 16.18 -11.99
C4 ADP H . 16.16 15.80 -12.25
#